data_7NU7
#
_entry.id   7NU7
#
_cell.length_a   49.141
_cell.length_b   82.728
_cell.length_c   228.468
_cell.angle_alpha   90.000
_cell.angle_beta   90.000
_cell.angle_gamma   90.000
#
_symmetry.space_group_name_H-M   'P 21 21 21'
#
loop_
_entity.id
_entity.type
_entity.pdbx_description
1 polymer 'Leucine--tRNA ligase'
2 non-polymer 1,2-ETHANEDIOL
3 non-polymer "ADENOSINE-5'-TRIPHOSPHATE"
4 non-polymer 'ZINC ION'
5 non-polymer 'MAGNESIUM ION'
6 water water
#
_entity_poly.entity_id   1
_entity_poly.type   'polypeptide(L)'
_entity_poly.pdbx_seq_one_letter_code
;GMQEHYQPAAIEPAAQKKWDDARISNVSEDASKPKYYCLSMFPYPSGKLHMGHVRNYTIGDVLSRFKLLNGFNVMQPMGW
DAFGMPAENAAMKNNVAPAAWTYDNIEYMKTQLKSLGFAVDWEREVATCKPEYYRWEQWLFTKLFEKGIVYRKNGTVNWD
PVDQTVLANEQVIDGRGWRSGALIEKREIPMYYFKITDYAEELLNDLDKLEHWPEQVKTMQRNWIGKSRGMTVRFAVSDD
SKQGLEGDYAKFLQVYTTRPDTLMGATYVAVAAEHPLATAAAADKPELQAFIAECKAGSVAEADMATMEKKGVPTGRYVV
NPLNGDKLEVWIANYVLWGYGDGAVMAVPAHDERDFEFAAKYNLPKKQVIAVGDNAFDANRWQEWYGDKENGVLVNSGDL
DGLDFQTAFDAVAAKLQSQGAGEPKTQYRLRDWGISRQRYWGCPIPIVHCEKCGNVPVPADQLPVVLPENVVPDGMGSPL
AKMPEFYETSCPCCGGAAKRETDTMDTFIESSWYFFRYMSPKFSDGMVSAESAKYWGAVDQYIGGIEHAILHLLYARFFT
KLMRDEGLVNVDEPFERLLTQGMVVCETYYRENDKGGKDWINPADVELTFDDKGRPVSAVLKADGLPVVISGTEKMSKSK
NNGVDPQELINAYGADTARLFMMFAAPPEQSLEWSDSGVEGAHRFLRRLWRTVYEYLKQGGAVKAFAGNQDGLSKELKDL
RHKLHSTTAKVSDDYGRRQQFNTAIAAVMELLNQYDKTDTGSEQGRAVAQEVLEAAVRLLWPIVPHICETLWSELNGAKL
WEAGWPTVDEAALVKSEIEVMVQVNGKLRGKITVAADASKADLEAAALANEGAVKFMEGKPAKKIIVVPGRLVNIVV
;
_entity_poly.pdbx_strand_id   A
#
# COMPACT_ATOMS: atom_id res chain seq x y z
N MET A 2 29.74 16.04 -32.10
CA MET A 2 29.11 14.95 -31.37
C MET A 2 29.79 13.62 -31.66
N GLN A 3 30.12 12.88 -30.60
CA GLN A 3 30.74 11.57 -30.75
C GLN A 3 29.75 10.59 -31.39
N GLU A 4 30.30 9.63 -32.13
CA GLU A 4 29.48 8.76 -32.96
C GLU A 4 28.79 7.66 -32.15
N HIS A 5 29.47 7.10 -31.16
CA HIS A 5 28.99 5.91 -30.47
C HIS A 5 28.55 6.23 -29.05
N TYR A 6 27.51 5.51 -28.60
CA TYR A 6 26.94 5.68 -27.28
C TYR A 6 27.90 5.13 -26.22
N GLN A 7 28.27 5.97 -25.25
CA GLN A 7 29.17 5.60 -24.18
C GLN A 7 28.54 5.96 -22.84
N PRO A 8 27.71 5.08 -22.28
CA PRO A 8 27.05 5.41 -21.00
C PRO A 8 28.02 5.60 -19.85
N ALA A 9 29.13 4.86 -19.81
CA ALA A 9 30.09 5.02 -18.73
C ALA A 9 30.70 6.41 -18.69
N ALA A 10 30.71 7.13 -19.82
CA ALA A 10 31.25 8.48 -19.88
C ALA A 10 30.19 9.55 -19.72
N ILE A 11 29.03 9.39 -20.35
CA ILE A 11 28.04 10.46 -20.36
C ILE A 11 27.18 10.47 -19.10
N GLU A 12 27.02 9.34 -18.41
CA GLU A 12 26.16 9.30 -17.24
C GLU A 12 26.78 10.03 -16.05
N PRO A 13 28.07 9.83 -15.74
CA PRO A 13 28.68 10.68 -14.71
C PRO A 13 28.60 12.16 -15.05
N ALA A 14 28.87 12.52 -16.30
CA ALA A 14 28.84 13.93 -16.70
C ALA A 14 27.44 14.51 -16.56
N ALA A 15 26.42 13.77 -16.97
CA ALA A 15 25.05 14.26 -16.86
C ALA A 15 24.61 14.37 -15.40
N GLN A 16 25.14 13.50 -14.53
CA GLN A 16 24.77 13.56 -13.12
C GLN A 16 25.35 14.79 -12.44
N LYS A 17 26.57 15.19 -12.81
CA LYS A 17 27.15 16.40 -12.22
C LYS A 17 26.45 17.65 -12.75
N LYS A 18 26.00 17.64 -14.01
CA LYS A 18 25.27 18.77 -14.55
C LYS A 18 23.98 19.00 -13.78
N TRP A 19 23.24 17.94 -13.49
CA TRP A 19 22.03 18.08 -12.69
C TRP A 19 22.35 18.54 -11.27
N ASP A 20 23.39 17.98 -10.66
CA ASP A 20 23.78 18.37 -9.31
C ASP A 20 24.18 19.85 -9.26
N ASP A 21 25.00 20.29 -10.22
CA ASP A 21 25.41 21.69 -10.25
C ASP A 21 24.23 22.62 -10.47
N ALA A 22 23.21 22.18 -11.21
CA ALA A 22 22.02 22.99 -11.41
C ALA A 22 21.08 22.97 -10.22
N ARG A 23 21.23 21.99 -9.33
CA ARG A 23 20.41 21.88 -8.11
C ARG A 23 18.92 21.82 -8.45
N ILE A 24 18.59 21.17 -9.56
CA ILE A 24 17.19 21.10 -9.99
C ILE A 24 16.38 20.22 -9.03
N SER A 25 17.03 19.28 -8.36
CA SER A 25 16.33 18.42 -7.40
C SER A 25 16.39 18.96 -5.97
N ASN A 26 17.28 19.90 -5.69
CA ASN A 26 17.36 20.51 -4.36
C ASN A 26 16.31 21.62 -4.31
N VAL A 27 15.15 21.30 -3.75
CA VAL A 27 14.00 22.19 -3.79
C VAL A 27 13.76 22.81 -2.42
N SER A 28 13.00 23.90 -2.42
CA SER A 28 12.61 24.61 -1.20
C SER A 28 11.11 24.83 -1.24
N GLU A 29 10.59 25.48 -0.19
CA GLU A 29 9.16 25.80 -0.11
C GLU A 29 8.88 27.04 -0.95
N ASP A 30 8.96 26.84 -2.27
CA ASP A 30 8.84 27.92 -3.24
C ASP A 30 7.37 28.15 -3.55
N ALA A 31 6.81 29.23 -3.01
CA ALA A 31 5.42 29.57 -3.25
C ALA A 31 5.15 29.97 -4.70
N SER A 32 6.18 30.24 -5.50
CA SER A 32 6.02 30.62 -6.88
C SER A 32 5.93 29.43 -7.83
N LYS A 33 5.70 28.22 -7.31
CA LYS A 33 5.56 27.05 -8.16
C LYS A 33 4.71 26.01 -7.45
N PRO A 34 3.85 25.29 -8.18
CA PRO A 34 3.01 24.28 -7.54
C PRO A 34 3.84 23.09 -7.07
N LYS A 35 3.51 22.60 -5.89
CA LYS A 35 4.26 21.53 -5.26
C LYS A 35 3.82 20.16 -5.77
N TYR A 36 4.74 19.21 -5.73
CA TYR A 36 4.43 17.81 -5.98
C TYR A 36 5.34 16.96 -5.11
N TYR A 37 4.74 16.21 -4.18
CA TYR A 37 5.47 15.34 -3.28
C TYR A 37 5.33 13.90 -3.78
N CYS A 38 6.41 13.38 -4.35
CA CYS A 38 6.44 12.01 -4.87
C CYS A 38 7.39 11.19 -4.01
N LEU A 39 6.84 10.27 -3.23
CA LEU A 39 7.59 9.52 -2.24
C LEU A 39 7.66 8.04 -2.62
N SER A 40 8.87 7.48 -2.55
CA SER A 40 9.08 6.05 -2.65
C SER A 40 9.51 5.54 -1.28
N MET A 41 9.05 4.32 -0.94
CA MET A 41 9.34 3.74 0.37
C MET A 41 10.85 3.66 0.61
N PHE A 42 11.31 4.36 1.64
CA PHE A 42 12.74 4.38 1.93
C PHE A 42 13.22 2.99 2.38
N PRO A 43 14.42 2.60 2.01
CA PRO A 43 14.85 1.21 2.21
C PRO A 43 15.58 0.99 3.53
N TYR A 44 15.58 -0.27 3.95
CA TYR A 44 16.42 -0.69 5.05
C TYR A 44 17.85 -0.81 4.57
N PRO A 45 18.83 -0.18 5.25
CA PRO A 45 20.21 -0.26 4.78
C PRO A 45 20.83 -1.64 5.02
N SER A 46 20.38 -2.63 4.26
CA SER A 46 20.85 -3.99 4.46
C SER A 46 22.31 -4.16 4.02
N GLY A 47 22.76 -3.40 3.04
CA GLY A 47 24.12 -3.50 2.56
C GLY A 47 24.27 -3.17 1.09
N LYS A 48 23.42 -3.74 0.26
CA LYS A 48 23.49 -3.52 -1.18
C LYS A 48 22.08 -3.36 -1.75
N LEU A 49 21.99 -2.59 -2.83
CA LEU A 49 20.75 -2.51 -3.59
C LEU A 49 20.48 -3.85 -4.28
N HIS A 50 19.22 -4.06 -4.62
CA HIS A 50 18.81 -5.15 -5.49
C HIS A 50 17.87 -4.59 -6.55
N MET A 51 17.59 -5.40 -7.56
CA MET A 51 16.75 -4.93 -8.66
C MET A 51 15.34 -4.55 -8.20
N GLY A 52 14.93 -5.02 -7.02
CA GLY A 52 13.67 -4.53 -6.45
C GLY A 52 13.75 -3.05 -6.11
N HIS A 53 14.84 -2.63 -5.47
CA HIS A 53 15.07 -1.21 -5.24
C HIS A 53 15.10 -0.44 -6.55
N VAL A 54 15.81 -0.97 -7.55
CA VAL A 54 15.97 -0.27 -8.82
C VAL A 54 14.61 -0.01 -9.46
N ARG A 55 13.75 -1.04 -9.51
CA ARG A 55 12.45 -0.86 -10.14
C ARG A 55 11.59 0.12 -9.35
N ASN A 56 11.57 0.01 -8.03
CA ASN A 56 10.75 0.89 -7.20
C ASN A 56 11.16 2.35 -7.39
N TYR A 57 12.45 2.63 -7.30
CA TYR A 57 12.92 4.01 -7.32
C TYR A 57 13.01 4.59 -8.72
N THR A 58 13.10 3.74 -9.75
CA THR A 58 12.98 4.24 -11.11
C THR A 58 11.55 4.67 -11.40
N ILE A 59 10.56 3.89 -10.92
CA ILE A 59 9.17 4.27 -11.08
C ILE A 59 8.90 5.62 -10.43
N GLY A 60 9.36 5.79 -9.18
CA GLY A 60 9.22 7.08 -8.52
C GLY A 60 9.92 8.20 -9.26
N ASP A 61 11.10 7.90 -9.81
CA ASP A 61 11.86 8.93 -10.53
C ASP A 61 11.19 9.28 -11.87
N VAL A 62 10.55 8.32 -12.53
CA VAL A 62 9.83 8.62 -13.76
C VAL A 62 8.69 9.59 -13.48
N LEU A 63 7.90 9.33 -12.44
CA LEU A 63 6.81 10.24 -12.10
C LEU A 63 7.33 11.59 -11.64
N SER A 64 8.41 11.61 -10.85
CA SER A 64 8.99 12.86 -10.41
C SER A 64 9.48 13.70 -11.58
N ARG A 65 10.27 13.11 -12.47
CA ARG A 65 10.81 13.86 -13.60
C ARG A 65 9.72 14.30 -14.56
N PHE A 66 8.65 13.51 -14.69
CA PHE A 66 7.52 13.92 -15.52
C PHE A 66 6.87 15.19 -14.98
N LYS A 67 6.67 15.25 -13.65
CA LYS A 67 6.07 16.43 -13.07
C LYS A 67 7.00 17.64 -13.13
N LEU A 68 8.31 17.41 -12.97
CA LEU A 68 9.27 18.50 -13.07
C LEU A 68 9.24 19.12 -14.47
N LEU A 69 9.20 18.28 -15.51
CA LEU A 69 9.13 18.81 -16.87
C LEU A 69 7.84 19.58 -17.12
N ASN A 70 6.79 19.33 -16.35
CA ASN A 70 5.56 20.10 -16.45
C ASN A 70 5.53 21.31 -15.52
N GLY A 71 6.68 21.66 -14.93
CA GLY A 71 6.78 22.88 -14.14
C GLY A 71 6.40 22.76 -12.69
N PHE A 72 6.40 21.56 -12.12
CA PHE A 72 6.11 21.39 -10.71
C PHE A 72 7.37 21.52 -9.87
N ASN A 73 7.20 21.98 -8.64
CA ASN A 73 8.28 21.97 -7.64
C ASN A 73 8.23 20.60 -6.97
N VAL A 74 9.00 19.67 -7.52
CA VAL A 74 8.92 18.26 -7.13
C VAL A 74 9.89 17.99 -5.99
N MET A 75 9.38 17.41 -4.90
CA MET A 75 10.21 16.88 -3.83
C MET A 75 10.22 15.36 -3.92
N GLN A 76 11.40 14.79 -4.14
CA GLN A 76 11.60 13.34 -4.16
C GLN A 76 12.70 13.01 -3.17
N PRO A 77 12.36 12.75 -1.92
CA PRO A 77 13.39 12.55 -0.89
C PRO A 77 13.76 11.09 -0.70
N MET A 78 14.94 10.89 -0.12
CA MET A 78 15.49 9.57 0.14
C MET A 78 15.96 9.49 1.58
N GLY A 79 15.88 8.29 2.15
CA GLY A 79 16.26 8.09 3.53
C GLY A 79 16.53 6.62 3.81
N TRP A 80 16.78 6.33 5.09
CA TRP A 80 17.21 5.00 5.51
C TRP A 80 16.43 4.56 6.73
N ASP A 81 15.71 3.44 6.60
CA ASP A 81 14.99 2.83 7.72
C ASP A 81 15.98 1.96 8.49
N ALA A 82 16.78 2.61 9.33
CA ALA A 82 18.01 2.02 9.82
C ALA A 82 17.84 1.16 11.07
N PHE A 83 16.69 1.23 11.75
CA PHE A 83 16.49 0.43 12.95
C PHE A 83 15.87 -0.92 12.60
N GLY A 84 16.15 -1.91 13.45
CA GLY A 84 15.56 -3.22 13.27
C GLY A 84 16.52 -4.37 13.52
N MET A 85 16.02 -5.59 13.37
CA MET A 85 16.75 -6.80 13.71
C MET A 85 17.91 -7.12 12.77
N PRO A 86 17.77 -7.00 11.44
CA PRO A 86 18.89 -7.43 10.57
C PRO A 86 20.24 -6.85 10.93
N ALA A 87 20.29 -5.62 11.47
CA ALA A 87 21.55 -5.08 11.96
C ALA A 87 21.97 -5.78 13.24
N GLU A 88 21.01 -6.14 14.09
CA GLU A 88 21.33 -6.84 15.34
C GLU A 88 21.81 -8.25 15.07
N ASN A 89 21.38 -8.85 13.96
CA ASN A 89 21.86 -10.18 13.59
C ASN A 89 23.20 -10.12 12.87
N ALA A 90 23.45 -9.06 12.12
CA ALA A 90 24.78 -8.88 11.54
C ALA A 90 25.80 -8.49 12.60
N ALA A 91 25.32 -7.87 13.70
CA ALA A 91 26.21 -7.48 14.79
C ALA A 91 26.76 -8.71 15.51
N MET A 92 25.92 -9.70 15.76
CA MET A 92 26.39 -10.91 16.43
C MET A 92 27.20 -11.81 15.52
N LYS A 93 27.02 -11.70 14.20
CA LYS A 93 27.73 -12.56 13.27
C LYS A 93 29.19 -12.12 13.10
N ASN A 94 29.40 -10.84 12.80
CA ASN A 94 30.72 -10.31 12.50
C ASN A 94 31.35 -9.56 13.67
N ASN A 95 30.67 -9.51 14.82
CA ASN A 95 31.15 -8.83 16.02
C ASN A 95 31.45 -7.35 15.72
N VAL A 96 30.41 -6.63 15.31
CA VAL A 96 30.47 -5.21 15.07
C VAL A 96 29.26 -4.56 15.71
N ALA A 97 29.37 -3.25 15.97
CA ALA A 97 28.23 -2.51 16.47
C ALA A 97 27.19 -2.35 15.36
N PRO A 98 25.90 -2.48 15.67
CA PRO A 98 24.87 -2.28 14.63
C PRO A 98 24.93 -0.92 13.97
N ALA A 99 25.40 0.10 14.69
CA ALA A 99 25.50 1.44 14.10
C ALA A 99 26.56 1.49 13.01
N ALA A 100 27.76 0.98 13.30
CA ALA A 100 28.83 1.00 12.31
C ALA A 100 28.48 0.14 11.10
N TRP A 101 27.84 -1.01 11.34
CA TRP A 101 27.39 -1.85 10.23
C TRP A 101 26.34 -1.13 9.39
N THR A 102 25.48 -0.34 10.04
CA THR A 102 24.44 0.38 9.31
C THR A 102 25.01 1.54 8.51
N TYR A 103 25.91 2.32 9.11
CA TYR A 103 26.47 3.49 8.41
C TYR A 103 27.35 3.07 7.23
N ASP A 104 28.05 1.94 7.34
CA ASP A 104 28.81 1.44 6.20
C ASP A 104 27.88 1.09 5.05
N ASN A 105 26.71 0.53 5.35
CA ASN A 105 25.77 0.18 4.30
C ASN A 105 25.12 1.42 3.69
N ILE A 106 24.81 2.42 4.52
CA ILE A 106 24.19 3.64 4.01
C ILE A 106 25.12 4.34 3.03
N GLU A 107 26.36 4.60 3.45
CA GLU A 107 27.34 5.26 2.60
C GLU A 107 27.49 4.55 1.26
N TYR A 108 27.56 3.22 1.28
CA TYR A 108 27.71 2.47 0.04
C TYR A 108 26.43 2.51 -0.79
N MET A 109 25.29 2.23 -0.16
CA MET A 109 24.03 2.21 -0.91
C MET A 109 23.67 3.59 -1.45
N LYS A 110 24.15 4.66 -0.80
CA LYS A 110 23.91 5.99 -1.32
C LYS A 110 24.67 6.23 -2.62
N THR A 111 25.93 5.79 -2.69
CA THR A 111 26.68 5.91 -3.93
C THR A 111 26.04 5.08 -5.04
N GLN A 112 25.48 3.92 -4.68
CA GLN A 112 24.79 3.09 -5.66
C GLN A 112 23.56 3.81 -6.20
N LEU A 113 22.85 4.55 -5.34
CA LEU A 113 21.66 5.27 -5.79
C LEU A 113 22.02 6.48 -6.64
N LYS A 114 23.07 7.20 -6.26
CA LYS A 114 23.49 8.36 -7.04
C LYS A 114 23.94 7.96 -8.45
N SER A 115 24.53 6.77 -8.59
CA SER A 115 24.98 6.32 -9.90
C SER A 115 23.82 5.94 -10.82
N LEU A 116 22.61 5.80 -10.29
CA LEU A 116 21.44 5.49 -11.10
C LEU A 116 20.74 6.73 -11.63
N GLY A 117 21.15 7.92 -11.19
CA GLY A 117 20.61 9.15 -11.75
C GLY A 117 19.24 9.55 -11.27
N PHE A 118 18.83 9.10 -10.09
CA PHE A 118 17.53 9.49 -9.56
C PHE A 118 17.55 10.96 -9.15
N ALA A 119 16.49 11.68 -9.52
CA ALA A 119 16.38 13.11 -9.22
C ALA A 119 15.93 13.28 -7.77
N VAL A 120 16.90 13.09 -6.86
CA VAL A 120 16.66 13.03 -5.43
C VAL A 120 17.20 14.28 -4.77
N ASP A 121 16.43 14.84 -3.83
CA ASP A 121 16.89 15.94 -3.00
C ASP A 121 17.69 15.36 -1.84
N TRP A 122 18.98 15.14 -2.07
CA TRP A 122 19.84 14.54 -1.05
C TRP A 122 20.07 15.45 0.14
N GLU A 123 19.73 16.73 0.04
CA GLU A 123 19.83 17.61 1.20
C GLU A 123 18.75 17.34 2.24
N ARG A 124 17.72 16.55 1.89
CA ARG A 124 16.67 16.17 2.83
C ARG A 124 16.83 14.73 3.32
N GLU A 125 18.02 14.16 3.19
CA GLU A 125 18.26 12.79 3.60
C GLU A 125 18.17 12.66 5.12
N VAL A 126 17.53 11.59 5.58
CA VAL A 126 17.46 11.28 7.01
C VAL A 126 17.88 9.84 7.23
N ALA A 127 18.39 9.57 8.43
CA ALA A 127 18.69 8.23 8.90
C ALA A 127 17.97 8.03 10.23
N THR A 128 17.02 7.10 10.26
CA THR A 128 16.12 6.97 11.41
C THR A 128 16.84 6.56 12.69
N CYS A 129 18.07 6.04 12.60
CA CYS A 129 18.80 5.64 13.78
C CYS A 129 19.58 6.79 14.41
N LYS A 130 19.50 7.99 13.84
CA LYS A 130 20.20 9.14 14.39
C LYS A 130 19.34 9.86 15.43
N PRO A 131 19.95 10.33 16.52
CA PRO A 131 19.17 11.06 17.54
C PRO A 131 18.45 12.28 16.98
N GLU A 132 19.01 12.92 15.96
CA GLU A 132 18.34 14.07 15.33
C GLU A 132 16.99 13.70 14.76
N TYR A 133 16.73 12.41 14.53
CA TYR A 133 15.45 11.95 14.01
C TYR A 133 14.56 11.37 15.11
N TYR A 134 15.01 10.31 15.78
CA TYR A 134 14.12 9.60 16.69
C TYR A 134 13.79 10.40 17.96
N ARG A 135 14.45 11.53 18.19
CA ARG A 135 14.10 12.35 19.35
C ARG A 135 12.65 12.84 19.27
N TRP A 136 12.13 12.99 18.05
CA TRP A 136 10.81 13.55 17.85
C TRP A 136 9.69 12.52 17.96
N GLU A 137 9.98 11.25 17.70
CA GLU A 137 9.01 10.23 18.04
C GLU A 137 9.03 9.95 19.54
N GLN A 138 10.17 10.14 20.20
CA GLN A 138 10.19 10.15 21.65
C GLN A 138 9.38 11.31 22.20
N TRP A 139 9.48 12.48 21.57
CA TRP A 139 8.70 13.63 21.99
C TRP A 139 7.20 13.34 21.88
N LEU A 140 6.77 12.82 20.74
CA LEU A 140 5.35 12.49 20.56
C LEU A 140 4.92 11.41 21.53
N PHE A 141 5.82 10.50 21.91
CA PHE A 141 5.51 9.49 22.91
C PHE A 141 5.10 10.14 24.23
N THR A 142 5.92 11.07 24.73
CA THR A 142 5.64 11.69 26.02
C THR A 142 4.36 12.53 25.98
N LYS A 143 4.12 13.21 24.86
CA LYS A 143 2.91 14.02 24.75
C LYS A 143 1.66 13.14 24.75
N LEU A 144 1.68 12.04 24.01
CA LEU A 144 0.55 11.13 24.01
C LEU A 144 0.45 10.35 25.31
N PHE A 145 1.57 10.14 26.00
CA PHE A 145 1.54 9.48 27.30
C PHE A 145 0.78 10.33 28.33
N GLU A 146 0.97 11.65 28.28
CA GLU A 146 0.25 12.53 29.20
C GLU A 146 -1.25 12.48 28.96
N LYS A 147 -1.66 12.36 27.70
CA LYS A 147 -3.07 12.30 27.33
C LYS A 147 -3.68 10.92 27.52
N GLY A 148 -2.89 9.93 27.92
CA GLY A 148 -3.38 8.57 28.03
C GLY A 148 -3.51 7.84 26.72
N ILE A 149 -3.22 8.49 25.58
CA ILE A 149 -3.27 7.81 24.30
C ILE A 149 -2.19 6.73 24.21
N VAL A 150 -1.08 6.92 24.92
CA VAL A 150 -0.10 5.87 25.16
C VAL A 150 -0.17 5.48 26.62
N TYR A 151 -0.30 4.19 26.90
CA TYR A 151 -0.45 3.72 28.27
C TYR A 151 0.39 2.47 28.50
N ARG A 152 0.54 2.13 29.77
CA ARG A 152 1.31 0.98 30.21
C ARG A 152 0.35 -0.08 30.73
N LYS A 153 0.54 -1.32 30.30
CA LYS A 153 -0.36 -2.40 30.67
C LYS A 153 0.36 -3.73 30.50
N ASN A 154 0.01 -4.70 31.33
CA ASN A 154 0.63 -6.04 31.23
C ASN A 154 0.18 -6.69 29.93
N GLY A 155 1.10 -7.33 29.23
CA GLY A 155 0.75 -8.05 28.01
C GLY A 155 1.51 -9.36 27.93
N THR A 156 1.07 -10.26 27.05
CA THR A 156 1.69 -11.61 26.97
C THR A 156 2.86 -11.61 25.98
N VAL A 157 3.98 -12.22 26.35
CA VAL A 157 5.15 -12.34 25.46
C VAL A 157 5.59 -13.81 25.39
N ASN A 158 6.43 -14.15 24.42
CA ASN A 158 6.96 -15.53 24.29
C ASN A 158 8.37 -15.54 24.89
N TRP A 159 8.55 -16.24 26.01
CA TRP A 159 9.87 -16.26 26.69
C TRP A 159 10.66 -17.53 26.34
N ASP A 160 11.92 -17.37 25.95
CA ASP A 160 12.78 -18.54 25.67
C ASP A 160 13.54 -18.88 26.96
N PRO A 161 13.29 -20.00 27.69
CA PRO A 161 14.04 -20.23 28.94
C PRO A 161 15.51 -20.56 28.73
N VAL A 162 15.93 -20.92 27.52
CA VAL A 162 17.32 -21.30 27.26
C VAL A 162 18.13 -20.12 26.73
N ASP A 163 17.65 -19.47 25.67
CA ASP A 163 18.33 -18.30 25.15
C ASP A 163 18.16 -17.07 26.03
N GLN A 164 17.24 -17.12 27.00
CA GLN A 164 16.99 -16.01 27.94
C GLN A 164 16.65 -14.73 27.20
N THR A 165 15.60 -14.79 26.39
CA THR A 165 15.20 -13.64 25.58
C THR A 165 13.75 -13.82 25.16
N VAL A 166 13.12 -12.68 24.85
CA VAL A 166 11.76 -12.68 24.32
C VAL A 166 11.83 -12.93 22.81
N LEU A 167 10.93 -13.76 22.31
CA LEU A 167 10.88 -14.13 20.90
C LEU A 167 9.55 -13.71 20.30
N ALA A 168 9.61 -13.16 19.09
CA ALA A 168 8.39 -12.92 18.34
C ALA A 168 7.82 -14.24 17.84
N ASN A 169 6.53 -14.23 17.52
CA ASN A 169 5.87 -15.44 17.03
C ASN A 169 6.46 -15.91 15.71
N GLU A 170 7.15 -15.03 14.98
CA GLU A 170 7.82 -15.42 13.74
C GLU A 170 9.04 -16.29 13.97
N GLN A 171 9.45 -16.44 15.24
CA GLN A 171 10.63 -17.26 15.58
C GLN A 171 10.23 -18.37 16.57
N VAL A 172 8.93 -18.57 16.79
CA VAL A 172 8.46 -19.67 17.67
C VAL A 172 7.80 -20.73 16.79
N ILE A 173 8.44 -21.90 16.66
CA ILE A 173 7.91 -22.96 15.77
C ILE A 173 7.57 -24.20 16.60
N ASP A 174 6.35 -24.71 16.49
CA ASP A 174 5.91 -25.94 17.21
C ASP A 174 6.04 -25.72 18.72
N GLY A 175 5.75 -24.51 19.18
CA GLY A 175 5.80 -24.20 20.63
C GLY A 175 7.22 -24.12 21.12
N ARG A 176 8.19 -23.95 20.22
CA ARG A 176 9.59 -23.98 20.67
C ARG A 176 10.43 -22.88 20.03
N GLY A 177 11.62 -22.64 20.59
CA GLY A 177 12.50 -21.57 20.08
C GLY A 177 13.14 -21.97 18.76
N TRP A 178 13.40 -20.99 17.91
CA TRP A 178 14.08 -21.27 16.62
C TRP A 178 15.48 -21.82 16.89
N ARG A 179 16.34 -21.01 17.53
CA ARG A 179 17.71 -21.47 17.72
C ARG A 179 17.91 -22.12 19.08
N SER A 180 16.86 -22.66 19.69
CA SER A 180 16.98 -23.33 20.98
C SER A 180 16.17 -24.62 21.01
N GLY A 181 14.94 -24.57 20.49
CA GLY A 181 14.09 -25.74 20.52
C GLY A 181 13.48 -26.05 21.86
N ALA A 182 13.56 -25.15 22.83
CA ALA A 182 12.99 -25.36 24.15
C ALA A 182 11.55 -24.88 24.19
N LEU A 183 10.76 -25.49 25.09
CA LEU A 183 9.35 -25.14 25.23
C LEU A 183 9.21 -23.68 25.63
N ILE A 184 8.45 -22.93 24.84
CA ILE A 184 8.32 -21.49 25.05
C ILE A 184 7.26 -21.21 26.10
N GLU A 185 7.59 -20.34 27.05
CA GLU A 185 6.66 -19.94 28.10
C GLU A 185 5.93 -18.67 27.69
N LYS A 186 4.70 -18.54 28.20
CA LYS A 186 3.90 -17.32 28.02
C LYS A 186 4.00 -16.49 29.30
N ARG A 187 4.63 -15.34 29.20
CA ARG A 187 4.86 -14.46 30.34
C ARG A 187 4.08 -13.16 30.18
N GLU A 188 3.58 -12.64 31.30
CA GLU A 188 2.89 -11.36 31.35
C GLU A 188 3.85 -10.32 31.92
N ILE A 189 4.22 -9.35 31.09
CA ILE A 189 5.12 -8.28 31.52
C ILE A 189 4.51 -6.94 31.11
N PRO A 190 4.80 -5.86 31.83
CA PRO A 190 4.25 -4.56 31.45
C PRO A 190 4.87 -4.05 30.16
N MET A 191 4.01 -3.52 29.28
CA MET A 191 4.44 -2.97 28.01
C MET A 191 3.62 -1.73 27.69
N TYR A 192 4.01 -1.03 26.63
CA TYR A 192 3.38 0.21 26.22
C TYR A 192 2.57 0.01 24.95
N TYR A 193 1.47 0.75 24.85
CA TYR A 193 0.51 0.57 23.77
C TYR A 193 0.00 1.93 23.30
N PHE A 194 -0.18 2.05 21.98
CA PHE A 194 -0.99 3.13 21.43
C PHE A 194 -2.45 2.74 21.48
N LYS A 195 -3.30 3.65 21.96
CA LYS A 195 -4.74 3.41 22.01
C LYS A 195 -5.36 3.68 20.64
N ILE A 196 -4.91 2.90 19.64
CA ILE A 196 -5.38 3.09 18.28
C ILE A 196 -6.86 2.75 18.13
N THR A 197 -7.41 1.94 19.04
CA THR A 197 -8.83 1.65 19.02
C THR A 197 -9.68 2.91 19.23
N ASP A 198 -9.14 3.94 19.89
CA ASP A 198 -9.85 5.21 20.00
C ASP A 198 -10.05 5.88 18.65
N TYR A 199 -9.21 5.58 17.66
CA TYR A 199 -9.28 6.19 16.34
C TYR A 199 -9.83 5.23 15.28
N ALA A 200 -10.45 4.12 15.71
CA ALA A 200 -10.89 3.10 14.75
C ALA A 200 -11.92 3.66 13.78
N GLU A 201 -12.93 4.35 14.30
CA GLU A 201 -13.99 4.87 13.44
C GLU A 201 -13.44 5.91 12.47
N GLU A 202 -12.50 6.72 12.93
CA GLU A 202 -11.88 7.71 12.06
C GLU A 202 -11.01 7.05 10.98
N LEU A 203 -10.22 6.05 11.39
CA LEU A 203 -9.39 5.31 10.44
C LEU A 203 -10.22 4.54 9.41
N LEU A 204 -11.45 4.19 9.75
CA LEU A 204 -12.33 3.50 8.80
C LEU A 204 -13.01 4.47 7.86
N ASN A 205 -13.62 5.53 8.41
CA ASN A 205 -14.45 6.42 7.61
C ASN A 205 -13.60 7.26 6.65
N ASP A 206 -12.41 7.67 7.09
CA ASP A 206 -11.56 8.53 6.26
C ASP A 206 -11.07 7.84 4.99
N LEU A 207 -11.19 6.52 4.90
CA LEU A 207 -10.87 5.83 3.65
C LEU A 207 -11.73 6.31 2.50
N ASP A 208 -12.96 6.73 2.81
CA ASP A 208 -13.86 7.27 1.77
C ASP A 208 -13.29 8.52 1.12
N LYS A 209 -12.43 9.27 1.83
CA LYS A 209 -11.82 10.46 1.24
C LYS A 209 -10.77 10.10 0.20
N LEU A 210 -10.28 8.87 0.20
CA LEU A 210 -9.17 8.47 -0.68
C LEU A 210 -9.75 7.96 -2.00
N GLU A 211 -10.21 8.91 -2.81
CA GLU A 211 -10.84 8.56 -4.08
C GLU A 211 -9.85 7.95 -5.08
N HIS A 212 -8.55 8.15 -4.88
CA HIS A 212 -7.54 7.65 -5.82
C HIS A 212 -6.74 6.48 -5.27
N TRP A 213 -7.27 5.78 -4.25
CA TRP A 213 -6.60 4.58 -3.76
C TRP A 213 -7.12 3.34 -4.49
N PRO A 214 -6.30 2.31 -4.65
CA PRO A 214 -6.81 1.04 -5.16
C PRO A 214 -7.85 0.47 -4.21
N GLU A 215 -8.95 -0.03 -4.78
CA GLU A 215 -10.07 -0.45 -3.97
C GLU A 215 -9.71 -1.63 -3.07
N GLN A 216 -8.82 -2.53 -3.52
CA GLN A 216 -8.46 -3.66 -2.69
C GLN A 216 -7.63 -3.24 -1.48
N VAL A 217 -6.87 -2.16 -1.60
CA VAL A 217 -6.09 -1.68 -0.46
C VAL A 217 -7.02 -1.11 0.60
N LYS A 218 -8.05 -0.35 0.19
CA LYS A 218 -9.05 0.10 1.14
C LYS A 218 -9.78 -1.07 1.77
N THR A 219 -10.10 -2.10 0.96
CA THR A 219 -10.77 -3.28 1.48
C THR A 219 -9.91 -3.96 2.54
N MET A 220 -8.60 -4.08 2.31
CA MET A 220 -7.73 -4.71 3.28
C MET A 220 -7.68 -3.90 4.58
N GLN A 221 -7.70 -2.57 4.47
CA GLN A 221 -7.74 -1.73 5.66
C GLN A 221 -9.04 -1.93 6.44
N ARG A 222 -10.16 -2.05 5.73
CA ARG A 222 -11.45 -2.25 6.40
C ARG A 222 -11.50 -3.58 7.10
N ASN A 223 -11.06 -4.66 6.44
CA ASN A 223 -11.10 -5.98 7.05
C ASN A 223 -10.15 -6.09 8.23
N TRP A 224 -9.02 -5.38 8.20
CA TRP A 224 -8.09 -5.44 9.33
C TRP A 224 -8.69 -4.74 10.55
N ILE A 225 -9.30 -3.58 10.35
CA ILE A 225 -10.00 -2.91 11.45
C ILE A 225 -11.14 -3.77 11.94
N GLY A 226 -11.93 -4.30 11.01
CA GLY A 226 -12.96 -5.27 11.34
C GLY A 226 -14.08 -4.74 12.20
N LYS A 227 -14.71 -3.65 11.77
CA LYS A 227 -15.86 -3.11 12.50
C LYS A 227 -17.09 -3.97 12.25
N SER A 228 -17.83 -4.27 13.31
CA SER A 228 -19.08 -4.99 13.21
C SER A 228 -20.12 -4.31 14.10
N ARG A 229 -21.32 -4.15 13.57
CA ARG A 229 -22.45 -3.61 14.32
C ARG A 229 -23.36 -4.78 14.69
N GLY A 230 -23.29 -5.21 15.94
CA GLY A 230 -24.05 -6.35 16.40
C GLY A 230 -24.94 -6.05 17.58
N MET A 231 -25.16 -7.08 18.41
CA MET A 231 -26.07 -6.94 19.54
C MET A 231 -25.47 -7.62 20.76
N THR A 232 -25.47 -6.92 21.89
CA THR A 232 -25.21 -7.56 23.16
C THR A 232 -26.47 -8.26 23.63
N VAL A 233 -26.35 -9.52 24.01
CA VAL A 233 -27.49 -10.35 24.41
C VAL A 233 -27.13 -11.05 25.71
N ARG A 234 -28.03 -10.98 26.69
CA ARG A 234 -27.82 -11.59 28.00
C ARG A 234 -28.77 -12.77 28.16
N PHE A 235 -28.20 -13.94 28.45
CA PHE A 235 -28.97 -15.15 28.72
C PHE A 235 -28.96 -15.40 30.23
N ALA A 236 -30.14 -15.41 30.83
CA ALA A 236 -30.25 -15.58 32.28
C ALA A 236 -29.81 -16.99 32.68
N VAL A 237 -28.93 -17.07 33.67
CA VAL A 237 -28.47 -18.36 34.18
C VAL A 237 -29.62 -19.06 34.89
N SER A 238 -29.82 -20.34 34.56
CA SER A 238 -30.91 -21.11 35.15
C SER A 238 -30.67 -21.32 36.64
N ASP A 239 -31.73 -21.73 37.34
CA ASP A 239 -31.68 -21.88 38.78
C ASP A 239 -30.73 -22.99 39.21
N ASP A 240 -30.54 -24.00 38.36
CA ASP A 240 -29.74 -25.17 38.69
C ASP A 240 -28.28 -25.04 38.28
N SER A 241 -27.87 -23.91 37.70
CA SER A 241 -26.56 -23.79 37.09
C SER A 241 -25.82 -22.58 37.67
N LYS A 242 -25.99 -22.32 38.97
CA LYS A 242 -25.37 -21.16 39.60
C LYS A 242 -24.31 -21.52 40.62
N GLN A 243 -23.96 -22.80 40.77
CA GLN A 243 -22.98 -23.20 41.77
C GLN A 243 -21.61 -22.61 41.44
N GLY A 244 -20.97 -22.00 42.44
CA GLY A 244 -19.64 -21.46 42.29
C GLY A 244 -19.50 -20.24 41.43
N LEU A 245 -20.61 -19.65 40.98
CA LEU A 245 -20.59 -18.48 40.13
C LEU A 245 -20.79 -17.22 40.97
N GLU A 246 -19.89 -16.25 40.81
CA GLU A 246 -19.92 -15.01 41.56
C GLU A 246 -20.13 -13.83 40.63
N GLY A 247 -20.60 -12.72 41.20
CA GLY A 247 -20.79 -11.50 40.44
C GLY A 247 -21.91 -11.62 39.42
N ASP A 248 -21.77 -10.87 38.33
CA ASP A 248 -22.77 -10.90 37.26
C ASP A 248 -22.84 -12.25 36.56
N TYR A 249 -21.77 -13.04 36.61
CA TYR A 249 -21.76 -14.36 35.98
C TYR A 249 -22.72 -15.33 36.66
N ALA A 250 -23.20 -15.02 37.87
CA ALA A 250 -24.17 -15.88 38.53
C ALA A 250 -25.60 -15.67 38.02
N LYS A 251 -25.87 -14.52 37.39
CA LYS A 251 -27.22 -14.18 36.97
C LYS A 251 -27.43 -14.36 35.46
N PHE A 252 -26.53 -13.85 34.64
CA PHE A 252 -26.71 -13.93 33.20
C PHE A 252 -25.40 -14.29 32.51
N LEU A 253 -25.52 -14.93 31.36
CA LEU A 253 -24.41 -15.13 30.43
C LEU A 253 -24.56 -14.14 29.29
N GLN A 254 -23.56 -13.28 29.12
CA GLN A 254 -23.59 -12.23 28.11
C GLN A 254 -22.79 -12.66 26.90
N VAL A 255 -23.35 -12.46 25.71
CA VAL A 255 -22.70 -12.81 24.45
C VAL A 255 -22.80 -11.61 23.50
N TYR A 256 -21.99 -11.66 22.46
CA TYR A 256 -22.05 -10.69 21.37
C TYR A 256 -22.35 -11.43 20.07
N THR A 257 -23.28 -10.90 19.29
CA THR A 257 -23.65 -11.53 18.02
C THR A 257 -23.91 -10.45 16.99
N THR A 258 -23.52 -10.73 15.75
CA THR A 258 -23.84 -9.88 14.62
C THR A 258 -25.08 -10.34 13.87
N ARG A 259 -25.73 -11.40 14.35
CA ARG A 259 -26.97 -11.90 13.76
C ARG A 259 -28.04 -12.02 14.84
N PRO A 260 -28.49 -10.91 15.41
CA PRO A 260 -29.60 -10.98 16.38
C PRO A 260 -30.93 -11.27 15.73
N ASP A 261 -31.03 -11.17 14.40
CA ASP A 261 -32.22 -11.60 13.68
C ASP A 261 -32.42 -13.12 13.73
N THR A 262 -31.41 -13.87 14.16
CA THR A 262 -31.49 -15.31 14.27
C THR A 262 -31.53 -15.78 15.73
N LEU A 263 -31.80 -14.86 16.66
CA LEU A 263 -31.78 -15.21 18.08
C LEU A 263 -32.82 -16.26 18.42
N MET A 264 -33.94 -16.29 17.69
CA MET A 264 -34.94 -17.33 17.89
C MET A 264 -34.45 -18.70 17.45
N GLY A 265 -33.39 -18.75 16.65
CA GLY A 265 -32.81 -19.99 16.18
C GLY A 265 -31.63 -20.51 16.97
N ALA A 266 -31.32 -19.91 18.12
CA ALA A 266 -30.21 -20.38 18.93
C ALA A 266 -30.58 -21.70 19.60
N THR A 267 -29.70 -22.69 19.48
CA THR A 267 -29.93 -24.00 20.07
C THR A 267 -28.94 -24.33 21.18
N TYR A 268 -27.82 -23.62 21.27
CA TYR A 268 -26.86 -23.79 22.35
C TYR A 268 -25.97 -22.55 22.37
N VAL A 269 -25.18 -22.43 23.44
CA VAL A 269 -24.23 -21.34 23.60
C VAL A 269 -22.86 -21.92 23.92
N ALA A 270 -21.82 -21.15 23.61
CA ALA A 270 -20.45 -21.58 23.79
C ALA A 270 -19.66 -20.50 24.49
N VAL A 271 -18.84 -20.91 25.47
CA VAL A 271 -17.99 -19.99 26.22
C VAL A 271 -16.53 -20.39 26.04
N ALA A 272 -15.65 -19.43 26.25
CA ALA A 272 -14.22 -19.69 26.18
C ALA A 272 -13.77 -20.52 27.38
N ALA A 273 -12.60 -21.15 27.23
CA ALA A 273 -12.09 -22.01 28.30
C ALA A 273 -11.79 -21.22 29.56
N GLU A 274 -11.49 -19.93 29.43
CA GLU A 274 -11.21 -19.07 30.57
C GLU A 274 -12.46 -18.41 31.14
N HIS A 275 -13.64 -18.66 30.57
CA HIS A 275 -14.86 -18.04 31.05
C HIS A 275 -15.19 -18.57 32.45
N PRO A 276 -15.71 -17.72 33.34
CA PRO A 276 -16.07 -18.20 34.68
C PRO A 276 -17.04 -19.36 34.69
N LEU A 277 -17.95 -19.44 33.70
CA LEU A 277 -18.83 -20.60 33.63
C LEU A 277 -18.04 -21.87 33.31
N ALA A 278 -16.98 -21.76 32.52
CA ALA A 278 -16.13 -22.92 32.25
C ALA A 278 -15.37 -23.35 33.50
N THR A 279 -14.92 -22.38 34.29
CA THR A 279 -14.16 -22.70 35.50
C THR A 279 -15.06 -23.33 36.56
N ALA A 280 -16.30 -22.82 36.69
CA ALA A 280 -17.19 -23.33 37.73
C ALA A 280 -17.72 -24.72 37.38
N ALA A 281 -17.98 -24.98 36.11
CA ALA A 281 -18.49 -26.28 35.70
C ALA A 281 -17.43 -27.37 35.75
N ALA A 282 -16.17 -27.01 35.48
CA ALA A 282 -15.07 -27.97 35.49
C ALA A 282 -14.47 -28.18 36.87
N ALA A 283 -15.09 -27.61 37.92
CA ALA A 283 -14.52 -27.71 39.26
C ALA A 283 -14.48 -29.16 39.74
N ASP A 284 -15.52 -29.95 39.42
CA ASP A 284 -15.60 -31.34 39.84
C ASP A 284 -15.67 -32.29 38.65
N LYS A 285 -15.31 -31.83 37.46
CA LYS A 285 -15.32 -32.66 36.25
C LYS A 285 -13.94 -32.67 35.62
N PRO A 286 -13.18 -33.76 35.74
CA PRO A 286 -11.81 -33.76 35.20
C PRO A 286 -11.76 -33.69 33.68
N GLU A 287 -12.74 -34.27 32.98
CA GLU A 287 -12.74 -34.24 31.53
C GLU A 287 -12.79 -32.80 30.99
N LEU A 288 -13.48 -31.91 31.70
CA LEU A 288 -13.50 -30.51 31.29
C LEU A 288 -12.22 -29.78 31.67
N GLN A 289 -11.57 -30.19 32.77
CA GLN A 289 -10.30 -29.58 33.14
C GLN A 289 -9.23 -29.86 32.08
N ALA A 290 -9.22 -31.07 31.53
CA ALA A 290 -8.24 -31.40 30.49
C ALA A 290 -8.53 -30.62 29.21
N PHE A 291 -9.80 -30.43 28.88
CA PHE A 291 -10.16 -29.68 27.69
C PHE A 291 -9.73 -28.22 27.81
N ILE A 292 -9.95 -27.62 28.99
CA ILE A 292 -9.56 -26.23 29.20
C ILE A 292 -8.04 -26.08 29.10
N ALA A 293 -7.29 -27.07 29.60
CA ALA A 293 -5.84 -27.00 29.53
C ALA A 293 -5.34 -27.10 28.10
N GLU A 294 -5.94 -27.99 27.30
CA GLU A 294 -5.55 -28.12 25.91
C GLU A 294 -5.86 -26.86 25.10
N CYS A 295 -6.94 -26.14 25.48
CA CYS A 295 -7.26 -24.88 24.81
C CYS A 295 -6.24 -23.79 25.16
N LYS A 296 -5.91 -23.66 26.44
CA LYS A 296 -4.89 -22.69 26.84
C LYS A 296 -3.56 -22.99 26.19
N ALA A 297 -3.23 -24.27 26.05
CA ALA A 297 -1.98 -24.69 25.38
C ALA A 297 -2.23 -24.83 23.89
N GLY A 298 -2.45 -23.68 23.25
CA GLY A 298 -2.75 -23.70 21.80
C GLY A 298 -2.36 -22.37 21.19
N SER A 299 -2.82 -22.12 19.97
CA SER A 299 -2.43 -20.87 19.25
C SER A 299 -3.67 -20.03 18.97
N VAL A 300 -3.63 -18.75 19.35
CA VAL A 300 -4.76 -17.83 19.04
C VAL A 300 -4.49 -17.24 17.66
N ALA A 301 -3.40 -17.68 17.01
CA ALA A 301 -3.07 -17.23 15.65
C ALA A 301 -4.28 -17.46 14.76
N GLU A 302 -4.80 -16.40 14.14
CA GLU A 302 -6.02 -16.52 13.29
C GLU A 302 -5.79 -17.58 12.23
N ALA A 303 -4.57 -17.66 11.71
CA ALA A 303 -4.23 -18.66 10.68
C ALA A 303 -4.54 -20.05 11.24
N ASP A 304 -3.91 -20.38 12.36
CA ASP A 304 -4.14 -21.71 12.99
C ASP A 304 -5.61 -21.83 13.42
N MET A 305 -6.27 -20.74 13.79
CA MET A 305 -7.67 -20.80 14.31
C MET A 305 -8.65 -21.13 13.18
N ALA A 306 -8.38 -20.63 11.98
CA ALA A 306 -9.29 -20.88 10.84
C ALA A 306 -9.01 -22.27 10.28
N THR A 307 -7.86 -22.86 10.65
CA THR A 307 -7.49 -24.19 10.13
C THR A 307 -7.64 -25.25 11.22
N MET A 308 -7.99 -24.84 12.44
CA MET A 308 -8.04 -25.82 13.56
C MET A 308 -9.37 -26.57 13.57
N GLU A 309 -9.37 -27.78 14.13
CA GLU A 309 -10.62 -28.55 14.27
C GLU A 309 -11.44 -27.92 15.40
N LYS A 310 -12.66 -27.48 15.10
CA LYS A 310 -13.54 -26.93 16.12
C LYS A 310 -14.00 -28.03 17.06
N LYS A 311 -13.67 -27.89 18.35
CA LYS A 311 -13.99 -28.91 19.34
C LYS A 311 -14.75 -28.27 20.50
N GLY A 312 -15.47 -29.10 21.24
CA GLY A 312 -16.25 -28.62 22.36
C GLY A 312 -16.69 -29.76 23.25
N VAL A 313 -16.99 -29.41 24.50
CA VAL A 313 -17.52 -30.36 25.48
C VAL A 313 -18.68 -29.71 26.22
N PRO A 314 -19.73 -30.45 26.56
CA PRO A 314 -20.84 -29.87 27.31
C PRO A 314 -20.49 -29.68 28.78
N THR A 315 -21.19 -28.74 29.41
CA THR A 315 -20.93 -28.39 30.80
C THR A 315 -22.03 -28.82 31.76
N GLY A 316 -23.22 -29.13 31.28
CA GLY A 316 -24.34 -29.41 32.14
C GLY A 316 -24.99 -28.19 32.75
N ARG A 317 -24.44 -27.00 32.54
CA ARG A 317 -25.05 -25.75 32.97
C ARG A 317 -25.95 -25.22 31.86
N TYR A 318 -27.00 -24.49 32.25
CA TYR A 318 -28.02 -24.05 31.32
C TYR A 318 -28.31 -22.56 31.48
N VAL A 319 -28.60 -21.90 30.36
CA VAL A 319 -29.02 -20.51 30.34
C VAL A 319 -30.30 -20.41 29.52
N VAL A 320 -30.99 -19.29 29.67
CA VAL A 320 -32.34 -19.10 29.12
C VAL A 320 -32.30 -18.05 28.02
N ASN A 321 -32.83 -18.39 26.85
CA ASN A 321 -32.96 -17.42 25.76
C ASN A 321 -33.99 -16.37 26.15
N PRO A 322 -33.65 -15.07 26.10
CA PRO A 322 -34.59 -14.06 26.58
C PRO A 322 -35.75 -13.76 25.63
N LEU A 323 -35.74 -14.28 24.40
CA LEU A 323 -36.81 -14.04 23.44
C LEU A 323 -37.88 -15.13 23.44
N ASN A 324 -37.50 -16.40 23.38
CA ASN A 324 -38.47 -17.49 23.35
C ASN A 324 -38.49 -18.32 24.63
N GLY A 325 -37.57 -18.09 25.56
CA GLY A 325 -37.60 -18.75 26.84
C GLY A 325 -37.00 -20.15 26.87
N ASP A 326 -36.34 -20.58 25.80
CA ASP A 326 -35.77 -21.92 25.79
C ASP A 326 -34.53 -21.99 26.66
N LYS A 327 -34.36 -23.12 27.34
CA LYS A 327 -33.18 -23.38 28.16
C LYS A 327 -32.09 -23.99 27.27
N LEU A 328 -30.94 -23.36 27.23
CA LEU A 328 -29.85 -23.76 26.36
C LEU A 328 -28.64 -24.19 27.19
N GLU A 329 -28.01 -25.29 26.79
CA GLU A 329 -26.84 -25.78 27.50
C GLU A 329 -25.59 -25.01 27.08
N VAL A 330 -24.71 -24.78 28.04
CA VAL A 330 -23.44 -24.09 27.79
C VAL A 330 -22.38 -25.12 27.42
N TRP A 331 -21.66 -24.85 26.34
CA TRP A 331 -20.54 -25.66 25.90
C TRP A 331 -19.24 -24.88 26.05
N ILE A 332 -18.17 -25.59 26.39
CA ILE A 332 -16.82 -25.04 26.33
C ILE A 332 -16.27 -25.34 24.95
N ALA A 333 -15.86 -24.30 24.22
CA ALA A 333 -15.42 -24.44 22.85
C ALA A 333 -14.06 -23.80 22.66
N ASN A 334 -13.21 -24.43 21.83
CA ASN A 334 -11.88 -23.92 21.58
C ASN A 334 -11.85 -22.76 20.59
N TYR A 335 -12.95 -22.48 19.90
CA TYR A 335 -12.98 -21.36 18.96
C TYR A 335 -13.44 -20.06 19.60
N VAL A 336 -14.01 -20.11 20.81
CA VAL A 336 -14.38 -18.90 21.54
C VAL A 336 -13.12 -18.38 22.22
N LEU A 337 -12.78 -17.12 21.94
CA LEU A 337 -11.54 -16.52 22.43
C LEU A 337 -11.84 -15.56 23.57
N TRP A 338 -11.16 -15.76 24.70
CA TRP A 338 -11.27 -14.83 25.81
C TRP A 338 -10.55 -13.53 25.49
N GLY A 339 -11.19 -12.41 25.79
CA GLY A 339 -10.64 -11.10 25.48
C GLY A 339 -11.24 -10.43 24.26
N TYR A 340 -11.96 -11.18 23.42
CA TYR A 340 -12.64 -10.62 22.25
C TYR A 340 -14.14 -10.61 22.54
N GLY A 341 -14.66 -9.43 22.86
CA GLY A 341 -16.07 -9.32 23.21
C GLY A 341 -16.32 -9.79 24.62
N ASP A 342 -17.27 -10.71 24.78
CA ASP A 342 -17.67 -11.21 26.09
C ASP A 342 -17.03 -12.55 26.43
N GLY A 343 -16.23 -13.11 25.53
CA GLY A 343 -15.70 -14.44 25.75
C GLY A 343 -16.73 -15.53 25.68
N ALA A 344 -17.89 -15.25 25.06
CA ALA A 344 -18.97 -16.21 24.94
C ALA A 344 -19.85 -15.81 23.77
N VAL A 345 -20.41 -16.81 23.10
CA VAL A 345 -21.24 -16.59 21.92
C VAL A 345 -22.47 -17.49 21.99
N MET A 346 -23.49 -17.11 21.22
CA MET A 346 -24.60 -18.01 20.94
C MET A 346 -24.31 -18.76 19.65
N ALA A 347 -25.07 -19.82 19.41
CA ALA A 347 -24.85 -20.67 18.25
C ALA A 347 -26.15 -20.88 17.49
N VAL A 348 -26.13 -20.58 16.21
CA VAL A 348 -27.28 -20.80 15.32
C VAL A 348 -26.81 -21.69 14.18
N PRO A 349 -26.86 -23.02 14.34
CA PRO A 349 -26.31 -23.91 13.29
C PRO A 349 -27.03 -23.81 11.97
N ALA A 350 -28.25 -23.27 11.92
CA ALA A 350 -29.00 -23.22 10.68
C ALA A 350 -28.58 -22.09 9.77
N HIS A 351 -27.83 -21.11 10.27
CA HIS A 351 -27.50 -19.94 9.45
C HIS A 351 -26.07 -19.44 9.69
N ASP A 352 -25.20 -20.28 10.25
CA ASP A 352 -23.79 -19.96 10.41
C ASP A 352 -22.99 -21.22 10.12
N GLU A 353 -22.05 -21.12 9.17
CA GLU A 353 -21.36 -22.32 8.69
C GLU A 353 -20.53 -22.97 9.78
N ARG A 354 -19.87 -22.16 10.61
CA ARG A 354 -19.09 -22.73 11.72
C ARG A 354 -19.99 -23.46 12.71
N ASP A 355 -21.13 -22.86 13.05
CA ASP A 355 -22.05 -23.49 13.97
C ASP A 355 -22.69 -24.74 13.36
N PHE A 356 -22.88 -24.76 12.04
CA PHE A 356 -23.46 -25.93 11.40
C PHE A 356 -22.54 -27.14 11.51
N GLU A 357 -21.24 -26.94 11.24
CA GLU A 357 -20.30 -28.05 11.34
C GLU A 357 -20.10 -28.47 12.80
N PHE A 358 -20.06 -27.50 13.72
CA PHE A 358 -19.95 -27.82 15.14
C PHE A 358 -21.15 -28.64 15.60
N ALA A 359 -22.36 -28.24 15.21
CA ALA A 359 -23.54 -28.98 15.60
C ALA A 359 -23.71 -30.27 14.82
N ALA A 360 -23.11 -30.38 13.63
CA ALA A 360 -23.18 -31.64 12.89
C ALA A 360 -22.30 -32.70 13.54
N LYS A 361 -21.15 -32.28 14.09
CA LYS A 361 -20.27 -33.23 14.77
C LYS A 361 -20.90 -33.76 16.04
N TYR A 362 -21.50 -32.88 16.84
CA TYR A 362 -22.05 -33.24 18.14
C TYR A 362 -23.56 -33.48 18.11
N ASN A 363 -24.18 -33.42 16.93
CA ASN A 363 -25.61 -33.68 16.76
C ASN A 363 -26.46 -32.77 17.63
N LEU A 364 -26.13 -31.47 17.58
CA LEU A 364 -26.91 -30.45 18.26
C LEU A 364 -28.03 -29.95 17.35
N PRO A 365 -29.14 -29.50 17.94
CA PRO A 365 -30.29 -29.11 17.11
C PRO A 365 -29.96 -27.95 16.18
N LYS A 366 -30.67 -27.92 15.05
CA LYS A 366 -30.53 -26.82 14.06
C LYS A 366 -31.95 -26.31 13.76
N LYS A 367 -32.30 -25.12 14.26
CA LYS A 367 -33.67 -24.57 14.07
C LYS A 367 -33.65 -23.44 13.04
N GLN A 368 -34.29 -23.66 11.89
CA GLN A 368 -34.35 -22.62 10.83
C GLN A 368 -35.20 -21.45 11.32
N VAL A 369 -34.70 -20.23 11.17
CA VAL A 369 -35.49 -19.03 11.53
C VAL A 369 -35.44 -18.06 10.37
N ILE A 370 -34.84 -18.47 9.26
CA ILE A 370 -34.68 -17.56 8.08
C ILE A 370 -34.95 -18.34 6.80
N ALA A 371 -35.89 -17.86 5.98
CA ALA A 371 -36.15 -18.48 4.67
C ALA A 371 -35.73 -17.50 3.58
N VAL A 372 -35.21 -18.01 2.46
CA VAL A 372 -34.84 -17.16 1.33
C VAL A 372 -35.75 -17.46 0.14
N GLY A 373 -37.03 -17.17 0.29
CA GLY A 373 -37.97 -17.31 -0.80
C GLY A 373 -38.36 -18.74 -1.14
N ASP A 374 -37.72 -19.29 -2.19
CA ASP A 374 -38.12 -20.58 -2.72
C ASP A 374 -37.22 -21.73 -2.29
N ASN A 375 -36.03 -21.44 -1.78
CA ASN A 375 -35.06 -22.49 -1.48
C ASN A 375 -35.57 -23.40 -0.36
N ALA A 376 -35.17 -24.67 -0.44
CA ALA A 376 -35.57 -25.68 0.54
C ALA A 376 -34.50 -25.83 1.61
N PHE A 377 -34.93 -26.07 2.85
CA PHE A 377 -34.05 -26.16 3.99
C PHE A 377 -33.84 -27.63 4.35
N ASP A 378 -32.61 -28.10 4.18
CA ASP A 378 -32.23 -29.47 4.54
C ASP A 378 -31.29 -29.39 5.73
N ALA A 379 -31.73 -29.91 6.88
CA ALA A 379 -30.94 -29.84 8.10
C ALA A 379 -29.67 -30.68 8.02
N ASN A 380 -29.53 -31.55 7.02
CA ASN A 380 -28.36 -32.40 6.87
C ASN A 380 -27.36 -31.86 5.85
N ARG A 381 -27.67 -30.73 5.20
CA ARG A 381 -26.79 -30.13 4.22
C ARG A 381 -26.70 -28.64 4.46
N TRP A 382 -25.55 -28.06 4.12
CA TRP A 382 -25.32 -26.63 4.24
C TRP A 382 -25.23 -26.02 2.85
N GLN A 383 -26.14 -25.10 2.54
CA GLN A 383 -26.09 -24.34 1.31
C GLN A 383 -25.57 -22.93 1.59
N GLU A 384 -25.09 -22.27 0.54
CA GLU A 384 -24.50 -20.95 0.71
C GLU A 384 -25.54 -19.90 1.13
N TRP A 385 -26.80 -20.12 0.79
CA TRP A 385 -27.84 -19.15 1.12
C TRP A 385 -28.28 -19.23 2.58
N TYR A 386 -27.85 -20.25 3.32
CA TYR A 386 -28.21 -20.34 4.73
C TYR A 386 -27.78 -19.11 5.51
N GLY A 387 -26.64 -18.52 5.14
CA GLY A 387 -26.16 -17.35 5.83
C GLY A 387 -26.39 -16.06 5.07
N ASP A 388 -27.34 -16.09 4.14
CA ASP A 388 -27.66 -14.90 3.34
C ASP A 388 -28.26 -13.83 4.24
N LYS A 389 -27.69 -12.63 4.16
CA LYS A 389 -28.13 -11.51 5.01
C LYS A 389 -28.95 -10.47 4.28
N GLU A 390 -28.96 -10.47 2.95
CA GLU A 390 -29.65 -9.44 2.18
C GLU A 390 -30.97 -9.91 1.60
N ASN A 391 -31.11 -11.21 1.31
CA ASN A 391 -32.32 -11.74 0.67
C ASN A 391 -33.15 -12.61 1.60
N GLY A 392 -32.75 -12.75 2.87
CA GLY A 392 -33.48 -13.61 3.77
C GLY A 392 -34.66 -12.91 4.42
N VAL A 393 -35.60 -13.73 4.90
CA VAL A 393 -36.76 -13.26 5.64
C VAL A 393 -37.02 -14.23 6.78
N LEU A 394 -37.55 -13.71 7.88
CA LEU A 394 -37.63 -14.47 9.12
C LEU A 394 -38.85 -15.37 9.16
N VAL A 395 -38.65 -16.60 9.64
CA VAL A 395 -39.72 -17.54 9.94
C VAL A 395 -39.49 -18.08 11.35
N ASN A 396 -40.54 -18.69 11.90
CA ASN A 396 -40.46 -19.32 13.23
C ASN A 396 -40.00 -18.34 14.30
N SER A 397 -40.35 -17.07 14.14
CA SER A 397 -39.87 -16.01 15.03
C SER A 397 -41.01 -15.30 15.76
N GLY A 398 -42.23 -15.83 15.67
CA GLY A 398 -43.37 -15.23 16.33
C GLY A 398 -43.65 -13.81 15.88
N ASP A 399 -43.22 -12.84 16.68
CA ASP A 399 -43.48 -11.44 16.36
C ASP A 399 -42.73 -11.00 15.12
N LEU A 400 -41.58 -11.60 14.84
CA LEU A 400 -40.66 -11.12 13.82
C LEU A 400 -40.81 -11.83 12.48
N ASP A 401 -41.84 -12.64 12.31
CA ASP A 401 -42.03 -13.34 11.05
C ASP A 401 -42.27 -12.37 9.91
N GLY A 402 -41.51 -12.53 8.83
CA GLY A 402 -41.71 -11.74 7.63
C GLY A 402 -40.86 -10.49 7.50
N LEU A 403 -39.89 -10.28 8.38
CA LEU A 403 -39.04 -9.10 8.34
C LEU A 403 -37.69 -9.44 7.70
N ASP A 404 -37.04 -8.43 7.14
CA ASP A 404 -35.71 -8.60 6.59
C ASP A 404 -34.68 -8.49 7.71
N PHE A 405 -33.40 -8.43 7.35
CA PHE A 405 -32.35 -8.41 8.37
C PHE A 405 -32.39 -7.14 9.21
N GLN A 406 -32.42 -5.98 8.56
CA GLN A 406 -32.32 -4.72 9.32
C GLN A 406 -33.57 -4.48 10.15
N THR A 407 -34.74 -4.80 9.62
CA THR A 407 -35.97 -4.62 10.38
C THR A 407 -36.01 -5.55 11.59
N ALA A 408 -35.55 -6.80 11.41
CA ALA A 408 -35.47 -7.71 12.54
C ALA A 408 -34.40 -7.27 13.53
N PHE A 409 -33.29 -6.71 13.04
CA PHE A 409 -32.26 -6.17 13.91
C PHE A 409 -32.84 -5.09 14.82
N ASP A 410 -33.54 -4.11 14.24
CA ASP A 410 -34.09 -3.02 15.01
C ASP A 410 -35.17 -3.50 15.97
N ALA A 411 -35.98 -4.49 15.54
CA ALA A 411 -37.05 -4.97 16.39
C ALA A 411 -36.52 -5.77 17.57
N VAL A 412 -35.53 -6.64 17.34
CA VAL A 412 -34.92 -7.38 18.44
C VAL A 412 -34.21 -6.42 19.39
N ALA A 413 -33.64 -5.34 18.87
CA ALA A 413 -32.98 -4.35 19.71
C ALA A 413 -33.98 -3.70 20.67
N ALA A 414 -35.14 -3.28 20.16
CA ALA A 414 -36.14 -2.65 21.01
C ALA A 414 -36.75 -3.65 21.99
N LYS A 415 -36.90 -4.91 21.58
CA LYS A 415 -37.46 -5.92 22.48
C LYS A 415 -36.50 -6.23 23.63
N LEU A 416 -35.20 -6.37 23.32
CA LEU A 416 -34.23 -6.69 24.37
C LEU A 416 -34.06 -5.52 25.33
N GLN A 417 -34.09 -4.29 24.82
CA GLN A 417 -33.96 -3.13 25.71
C GLN A 417 -35.19 -2.96 26.59
N SER A 418 -36.37 -3.37 26.10
CA SER A 418 -37.57 -3.31 26.93
C SER A 418 -37.47 -4.25 28.12
N GLN A 419 -36.83 -5.40 27.93
CA GLN A 419 -36.64 -6.36 29.00
C GLN A 419 -35.30 -6.22 29.72
N GLY A 420 -34.48 -5.26 29.30
CA GLY A 420 -33.17 -5.06 29.90
C GLY A 420 -32.19 -6.18 29.62
N ALA A 421 -32.47 -7.04 28.64
CA ALA A 421 -31.65 -8.21 28.36
C ALA A 421 -30.72 -8.02 27.17
N GLY A 422 -30.60 -6.81 26.64
CA GLY A 422 -29.70 -6.59 25.53
C GLY A 422 -29.75 -5.15 25.05
N GLU A 423 -28.81 -4.82 24.18
CA GLU A 423 -28.70 -3.50 23.58
C GLU A 423 -27.75 -3.59 22.38
N PRO A 424 -27.87 -2.67 21.43
CA PRO A 424 -26.94 -2.67 20.29
C PRO A 424 -25.53 -2.31 20.73
N LYS A 425 -24.55 -2.93 20.06
CA LYS A 425 -23.16 -2.72 20.40
C LYS A 425 -22.30 -2.81 19.15
N THR A 426 -21.34 -1.88 19.03
CA THR A 426 -20.37 -1.89 17.96
C THR A 426 -19.05 -2.44 18.49
N GLN A 427 -18.44 -3.36 17.74
CA GLN A 427 -17.16 -3.93 18.11
C GLN A 427 -16.21 -3.89 16.92
N TYR A 428 -14.92 -4.00 17.23
CA TYR A 428 -13.86 -3.99 16.22
C TYR A 428 -12.90 -5.13 16.52
N ARG A 429 -12.40 -5.77 15.45
CA ARG A 429 -11.32 -6.73 15.62
C ARG A 429 -9.99 -6.04 15.89
N LEU A 430 -9.89 -4.75 15.61
CA LEU A 430 -8.66 -4.00 15.86
C LEU A 430 -8.32 -4.01 17.34
N ARG A 431 -7.08 -4.36 17.65
CA ARG A 431 -6.56 -4.29 19.00
C ARG A 431 -5.51 -3.18 19.09
N ASP A 432 -5.14 -2.83 20.31
CA ASP A 432 -4.21 -1.73 20.51
C ASP A 432 -2.81 -2.11 20.02
N TRP A 433 -2.01 -1.08 19.75
CA TRP A 433 -0.72 -1.22 19.09
C TRP A 433 0.38 -1.31 20.13
N GLY A 434 0.91 -2.52 20.33
CA GLY A 434 1.98 -2.73 21.30
C GLY A 434 3.31 -2.18 20.82
N ILE A 435 3.91 -1.28 21.59
CA ILE A 435 5.11 -0.57 21.17
C ILE A 435 6.37 -1.28 21.64
N SER A 436 6.33 -1.91 22.82
CA SER A 436 7.53 -2.35 23.49
C SER A 436 8.20 -3.50 22.74
N ARG A 437 9.52 -3.39 22.58
CA ARG A 437 10.34 -4.47 22.05
C ARG A 437 11.51 -4.69 23.00
N GLN A 438 11.79 -5.96 23.29
CA GLN A 438 12.93 -6.31 24.15
C GLN A 438 14.17 -6.52 23.29
N ARG A 439 14.58 -5.43 22.63
CA ARG A 439 15.71 -5.42 21.72
C ARG A 439 16.52 -4.15 21.93
N TYR A 440 17.78 -4.19 21.51
CA TYR A 440 18.68 -3.06 21.66
C TYR A 440 18.57 -2.06 20.52
N TRP A 441 18.66 -2.54 19.27
CA TRP A 441 18.81 -1.65 18.12
C TRP A 441 17.45 -1.07 17.75
N GLY A 442 17.03 -0.10 18.56
CA GLY A 442 15.76 0.58 18.34
C GLY A 442 15.69 1.83 19.17
N CYS A 443 14.64 2.60 18.93
CA CYS A 443 14.47 3.88 19.62
C CYS A 443 14.16 3.67 21.09
N PRO A 444 14.96 4.23 22.01
CA PRO A 444 14.66 4.08 23.44
C PRO A 444 13.32 4.70 23.80
N ILE A 445 12.64 4.07 24.74
CA ILE A 445 11.35 4.55 25.24
C ILE A 445 11.61 5.60 26.30
N PRO A 446 11.09 6.82 26.14
CA PRO A 446 11.44 7.93 27.05
C PRO A 446 10.65 7.89 28.36
N ILE A 447 10.81 6.81 29.11
CA ILE A 447 10.16 6.62 30.39
C ILE A 447 11.22 6.38 31.46
N VAL A 448 11.03 7.00 32.63
CA VAL A 448 11.87 6.76 33.79
C VAL A 448 11.00 6.14 34.87
N HIS A 449 11.49 5.04 35.47
CA HIS A 449 10.76 4.31 36.50
C HIS A 449 11.29 4.72 37.87
N CYS A 450 10.44 5.38 38.65
CA CYS A 450 10.78 5.80 40.01
C CYS A 450 9.89 5.06 40.99
N GLU A 451 10.50 4.49 42.03
CA GLU A 451 9.72 3.73 43.01
C GLU A 451 8.78 4.60 43.82
N LYS A 452 8.94 5.92 43.78
CA LYS A 452 8.05 6.84 44.45
C LYS A 452 7.06 7.52 43.50
N CYS A 453 7.52 7.90 42.31
CA CYS A 453 6.69 8.64 41.36
C CYS A 453 6.02 7.76 40.32
N GLY A 454 6.52 6.54 40.12
CA GLY A 454 5.95 5.63 39.11
C GLY A 454 6.60 5.73 37.76
N ASN A 455 5.83 5.50 36.69
CA ASN A 455 6.36 5.58 35.30
C ASN A 455 6.38 7.05 34.93
N VAL A 456 7.57 7.63 34.85
CA VAL A 456 7.67 9.10 34.63
C VAL A 456 8.12 9.38 33.20
N PRO A 457 7.46 10.25 32.37
CA PRO A 457 7.99 10.58 31.06
C PRO A 457 9.16 11.56 31.16
N VAL A 458 10.11 11.39 30.24
CA VAL A 458 11.29 12.28 30.22
C VAL A 458 10.85 13.66 29.74
N PRO A 459 11.25 14.75 30.42
CA PRO A 459 10.86 16.09 29.96
C PRO A 459 11.43 16.39 28.58
N ALA A 460 10.75 17.30 27.88
CA ALA A 460 11.16 17.65 26.52
C ALA A 460 12.55 18.29 26.50
N ASP A 461 12.94 18.97 27.58
CA ASP A 461 14.29 19.54 27.62
C ASP A 461 15.36 18.46 27.65
N GLN A 462 15.04 17.28 28.15
CA GLN A 462 16.01 16.20 28.31
C GLN A 462 15.99 15.22 27.14
N LEU A 463 15.16 15.44 26.13
CA LEU A 463 15.14 14.58 24.96
C LEU A 463 16.21 15.02 23.96
N PRO A 464 16.81 14.09 23.23
CA PRO A 464 16.51 12.65 23.21
C PRO A 464 17.12 11.84 24.35
N VAL A 465 16.52 10.69 24.63
CA VAL A 465 17.19 9.62 25.36
C VAL A 465 18.10 8.92 24.36
N VAL A 466 19.40 9.15 24.46
CA VAL A 466 20.33 8.71 23.42
C VAL A 466 20.61 7.22 23.59
N LEU A 467 20.45 6.48 22.51
CA LEU A 467 20.83 5.07 22.49
C LEU A 467 22.34 4.96 22.34
N PRO A 468 23.04 4.29 23.25
CA PRO A 468 24.50 4.12 23.09
C PRO A 468 24.81 3.25 21.89
N GLU A 469 25.71 3.74 21.03
CA GLU A 469 26.04 3.06 19.79
C GLU A 469 27.20 2.09 19.92
N ASN A 470 27.97 2.14 21.01
CA ASN A 470 29.13 1.27 21.17
C ASN A 470 28.72 0.00 21.91
N VAL A 471 27.89 -0.79 21.23
CA VAL A 471 27.29 -2.00 21.79
C VAL A 471 27.31 -3.09 20.72
N VAL A 472 27.70 -4.29 21.12
CA VAL A 472 27.67 -5.46 20.26
C VAL A 472 26.71 -6.47 20.90
N PRO A 473 25.49 -6.57 20.38
CA PRO A 473 24.51 -7.50 20.97
C PRO A 473 24.91 -8.95 20.72
N ASP A 474 24.53 -9.81 21.67
CA ASP A 474 24.87 -11.23 21.62
C ASP A 474 23.65 -12.14 21.48
N GLY A 475 22.44 -11.62 21.63
CA GLY A 475 21.24 -12.41 21.48
C GLY A 475 20.69 -13.01 22.76
N MET A 476 21.49 -13.03 23.83
CA MET A 476 21.04 -13.55 25.12
C MET A 476 20.60 -12.39 26.01
N GLY A 477 19.51 -11.76 25.60
CA GLY A 477 18.98 -10.60 26.31
C GLY A 477 19.51 -9.30 25.76
N SER A 478 18.69 -8.26 25.89
CA SER A 478 19.08 -6.95 25.40
C SER A 478 20.24 -6.40 26.22
N PRO A 479 21.28 -5.84 25.59
CA PRO A 479 22.38 -5.27 26.35
C PRO A 479 22.00 -4.08 27.21
N LEU A 480 20.93 -3.36 26.86
CA LEU A 480 20.54 -2.19 27.65
C LEU A 480 20.20 -2.57 29.09
N ALA A 481 19.53 -3.72 29.27
CA ALA A 481 19.20 -4.18 30.61
C ALA A 481 20.42 -4.56 31.43
N LYS A 482 21.59 -4.67 30.80
CA LYS A 482 22.82 -5.03 31.50
C LYS A 482 23.83 -3.90 31.50
N MET A 483 23.43 -2.68 31.13
CA MET A 483 24.29 -1.50 31.12
C MET A 483 23.83 -0.54 32.20
N PRO A 484 24.35 -0.64 33.42
CA PRO A 484 23.94 0.30 34.48
C PRO A 484 24.22 1.76 34.13
N GLU A 485 25.30 2.04 33.40
CA GLU A 485 25.58 3.40 32.98
C GLU A 485 24.48 4.00 32.11
N PHE A 486 23.59 3.17 31.57
CA PHE A 486 22.45 3.64 30.78
C PHE A 486 21.20 3.80 31.63
N TYR A 487 20.75 2.72 32.28
CA TYR A 487 19.45 2.77 32.95
C TYR A 487 19.51 3.48 34.30
N GLU A 488 20.66 3.54 34.95
CA GLU A 488 20.74 4.28 36.21
C GLU A 488 20.67 5.78 35.94
N THR A 489 19.69 6.44 36.55
CA THR A 489 19.47 7.86 36.29
C THR A 489 18.81 8.46 37.53
N SER A 490 18.36 9.70 37.39
CA SER A 490 17.62 10.40 38.44
C SER A 490 16.21 10.66 37.97
N CYS A 491 15.26 10.58 38.89
CA CYS A 491 13.87 10.81 38.53
C CYS A 491 13.65 12.27 38.19
N PRO A 492 13.06 12.59 37.03
CA PRO A 492 12.86 13.99 36.66
C PRO A 492 11.74 14.68 37.42
N CYS A 493 11.01 13.98 38.29
CA CYS A 493 10.00 14.60 39.14
C CYS A 493 10.44 14.79 40.58
N CYS A 494 11.12 13.82 41.19
CA CYS A 494 11.57 13.95 42.57
C CYS A 494 13.08 14.09 42.72
N GLY A 495 13.86 13.64 41.74
CA GLY A 495 15.30 13.72 41.80
C GLY A 495 15.99 12.52 42.43
N GLY A 496 15.25 11.55 42.95
CA GLY A 496 15.84 10.38 43.55
C GLY A 496 16.36 9.40 42.53
N ALA A 497 16.96 8.33 43.04
CA ALA A 497 17.49 7.28 42.18
C ALA A 497 16.36 6.58 41.45
N ALA A 498 16.53 6.37 40.14
CA ALA A 498 15.51 5.75 39.32
C ALA A 498 16.19 4.98 38.19
N LYS A 499 15.37 4.31 37.38
CA LYS A 499 15.86 3.44 36.31
C LYS A 499 15.17 3.79 35.00
N ARG A 500 15.95 3.89 33.93
CA ARG A 500 15.37 4.10 32.61
C ARG A 500 14.70 2.84 32.10
N GLU A 501 13.63 3.02 31.33
CA GLU A 501 13.05 1.92 30.58
C GLU A 501 14.07 1.41 29.58
N THR A 502 14.27 0.09 29.54
CA THR A 502 15.28 -0.50 28.67
C THR A 502 14.71 -1.06 27.38
N ASP A 503 13.40 -1.29 27.31
CA ASP A 503 12.79 -1.70 26.05
C ASP A 503 12.89 -0.58 25.03
N THR A 504 12.90 -0.96 23.75
CA THR A 504 12.91 0.00 22.65
C THR A 504 11.59 -0.08 21.88
N MET A 505 11.44 0.80 20.91
CA MET A 505 10.16 0.96 20.22
C MET A 505 10.07 0.06 18.99
N ASP A 506 8.85 -0.36 18.68
CA ASP A 506 8.53 -1.01 17.42
C ASP A 506 9.06 -0.16 16.26
N THR A 507 9.84 -0.79 15.38
CA THR A 507 10.44 -0.07 14.26
C THR A 507 9.42 0.43 13.25
N PHE A 508 8.16 0.00 13.36
CA PHE A 508 7.10 0.62 12.58
C PHE A 508 6.89 2.09 12.93
N ILE A 509 7.33 2.51 14.12
CA ILE A 509 7.16 3.91 14.53
C ILE A 509 7.90 4.84 13.59
N GLU A 510 9.14 4.50 13.22
CA GLU A 510 9.95 5.39 12.40
C GLU A 510 9.35 5.57 11.01
N SER A 511 8.79 4.50 10.44
CA SER A 511 8.18 4.60 9.11
C SER A 511 6.76 5.16 9.15
N SER A 512 6.25 5.51 10.34
CA SER A 512 4.91 6.04 10.45
C SER A 512 4.84 7.56 10.30
N TRP A 513 5.99 8.25 10.31
CA TRP A 513 5.97 9.70 10.19
C TRP A 513 7.15 10.25 9.40
N TYR A 514 7.96 9.40 8.76
CA TYR A 514 9.15 9.89 8.07
C TYR A 514 8.80 10.78 6.88
N PHE A 515 7.63 10.58 6.28
CA PHE A 515 7.20 11.43 5.18
C PHE A 515 6.97 12.87 5.61
N PHE A 516 6.69 13.12 6.89
CA PHE A 516 6.58 14.49 7.38
C PHE A 516 7.95 15.07 7.72
N ARG A 517 8.85 14.25 8.28
CA ARG A 517 10.19 14.73 8.59
C ARG A 517 10.93 15.18 7.35
N TYR A 518 10.61 14.59 6.19
CA TYR A 518 11.23 15.01 4.93
C TYR A 518 10.94 16.46 4.61
N MET A 519 9.83 17.01 5.13
CA MET A 519 9.46 18.38 4.81
C MET A 519 10.41 19.39 5.46
N SER A 520 11.01 19.02 6.59
CA SER A 520 11.96 19.91 7.29
C SER A 520 12.88 19.05 8.13
N PRO A 521 13.79 18.31 7.50
CA PRO A 521 14.62 17.34 8.23
C PRO A 521 15.66 17.96 9.15
N LYS A 522 15.92 19.26 9.03
CA LYS A 522 16.87 19.94 9.91
C LYS A 522 16.16 20.80 10.97
N PHE A 523 14.84 20.68 11.08
CA PHE A 523 14.11 21.45 12.09
C PHE A 523 14.39 20.88 13.48
N SER A 524 14.72 21.76 14.42
CA SER A 524 15.11 21.35 15.76
C SER A 524 14.10 21.73 16.83
N ASP A 525 12.97 22.33 16.47
CA ASP A 525 11.96 22.75 17.44
C ASP A 525 10.68 21.95 17.35
N GLY A 526 10.66 20.86 16.61
CA GLY A 526 9.46 20.06 16.49
C GLY A 526 9.63 18.97 15.45
N MET A 527 8.63 18.09 15.40
CA MET A 527 8.65 16.99 14.43
C MET A 527 8.76 17.51 13.01
N VAL A 528 8.07 18.60 12.71
CA VAL A 528 8.08 19.21 11.39
C VAL A 528 7.62 20.66 11.53
N SER A 529 8.34 21.56 10.89
CA SER A 529 8.01 22.98 10.99
C SER A 529 6.63 23.27 10.42
N ALA A 530 5.96 24.26 10.99
CA ALA A 530 4.61 24.60 10.55
C ALA A 530 4.60 25.10 9.12
N GLU A 531 5.62 25.89 8.74
CA GLU A 531 5.66 26.45 7.40
C GLU A 531 5.82 25.37 6.34
N SER A 532 6.78 24.46 6.53
CA SER A 532 6.99 23.40 5.54
C SER A 532 5.82 22.43 5.50
N ALA A 533 5.18 22.17 6.65
CA ALA A 533 4.00 21.30 6.65
C ALA A 533 2.84 21.95 5.91
N LYS A 534 2.68 23.27 6.05
CA LYS A 534 1.61 23.96 5.34
C LYS A 534 1.86 23.98 3.84
N TYR A 535 3.13 24.06 3.43
CA TYR A 535 3.43 24.11 1.99
C TYR A 535 3.28 22.75 1.33
N TRP A 536 3.95 21.73 1.86
CA TRP A 536 3.95 20.43 1.22
C TRP A 536 2.66 19.65 1.43
N GLY A 537 1.91 19.94 2.49
CA GLY A 537 0.64 19.29 2.73
C GLY A 537 0.75 17.79 2.94
N ALA A 538 0.36 17.01 1.94
CA ALA A 538 0.39 15.56 2.01
C ALA A 538 1.20 15.00 0.85
N VAL A 539 1.46 13.70 0.91
CA VAL A 539 2.20 13.03 -0.16
C VAL A 539 1.27 12.86 -1.36
N ASP A 540 1.68 13.40 -2.51
CA ASP A 540 0.87 13.29 -3.71
C ASP A 540 0.93 11.88 -4.33
N GLN A 541 2.08 11.22 -4.24
CA GLN A 541 2.24 9.90 -4.86
C GLN A 541 3.16 9.05 -3.99
N TYR A 542 2.70 7.85 -3.65
CA TYR A 542 3.45 6.89 -2.84
C TYR A 542 3.64 5.61 -3.64
N ILE A 543 4.88 5.14 -3.70
CA ILE A 543 5.25 3.96 -4.49
C ILE A 543 5.88 2.93 -3.57
N GLY A 544 5.27 1.74 -3.50
CA GLY A 544 5.80 0.67 -2.65
C GLY A 544 4.96 -0.59 -2.73
N GLY A 545 5.41 -1.68 -2.08
CA GLY A 545 4.70 -2.97 -2.15
C GLY A 545 3.33 -3.02 -1.48
N ILE A 546 2.46 -3.94 -1.92
CA ILE A 546 1.10 -4.14 -1.32
C ILE A 546 1.28 -5.00 -0.07
N GLU A 547 2.52 -5.43 0.21
CA GLU A 547 2.80 -6.17 1.46
C GLU A 547 2.63 -5.20 2.60
N HIS A 548 2.80 -3.90 2.33
CA HIS A 548 2.72 -2.86 3.39
C HIS A 548 1.35 -2.22 3.35
N ALA A 549 0.43 -2.77 2.55
CA ALA A 549 -0.93 -2.19 2.41
C ALA A 549 -1.69 -2.17 3.74
N ILE A 550 -1.25 -2.95 4.72
CA ILE A 550 -2.04 -3.03 5.98
C ILE A 550 -1.34 -2.28 7.11
N LEU A 551 -0.46 -2.94 7.86
CA LEU A 551 0.13 -2.31 9.07
C LEU A 551 0.82 -0.98 8.77
N HIS A 552 1.76 -0.95 7.83
CA HIS A 552 2.50 0.29 7.53
C HIS A 552 1.52 1.42 7.21
N LEU A 553 0.60 1.19 6.28
CA LEU A 553 -0.34 2.23 5.90
C LEU A 553 -1.26 2.60 7.06
N LEU A 554 -1.76 1.61 7.80
CA LEU A 554 -2.61 1.88 8.95
C LEU A 554 -1.88 2.72 9.98
N TYR A 555 -0.65 2.33 10.33
CA TYR A 555 0.13 3.08 11.31
C TYR A 555 0.43 4.49 10.81
N ALA A 556 0.75 4.63 9.52
CA ALA A 556 1.05 5.93 8.97
C ALA A 556 -0.17 6.85 8.99
N ARG A 557 -1.34 6.30 8.67
CA ARG A 557 -2.58 7.08 8.74
C ARG A 557 -2.91 7.42 10.19
N PHE A 558 -2.66 6.50 11.11
CA PHE A 558 -2.89 6.77 12.53
C PHE A 558 -2.00 7.91 13.02
N PHE A 559 -0.69 7.82 12.74
CA PHE A 559 0.23 8.87 13.15
C PHE A 559 -0.12 10.22 12.54
N THR A 560 -0.62 10.21 11.30
CA THR A 560 -1.01 11.47 10.65
C THR A 560 -2.11 12.17 11.44
N LYS A 561 -3.11 11.42 11.89
CA LYS A 561 -4.19 12.02 12.67
C LYS A 561 -3.69 12.43 14.05
N LEU A 562 -2.81 11.62 14.64
CA LEU A 562 -2.21 11.99 15.93
C LEU A 562 -1.44 13.29 15.83
N MET A 563 -0.60 13.43 14.80
CA MET A 563 0.14 14.67 14.63
C MET A 563 -0.78 15.83 14.28
N ARG A 564 -1.84 15.56 13.52
CA ARG A 564 -2.81 16.62 13.21
C ARG A 564 -3.50 17.11 14.48
N ASP A 565 -3.95 16.18 15.33
CA ASP A 565 -4.60 16.56 16.58
C ASP A 565 -3.66 17.33 17.50
N GLU A 566 -2.35 17.14 17.36
CA GLU A 566 -1.36 17.91 18.10
C GLU A 566 -1.08 19.27 17.47
N GLY A 567 -1.68 19.58 16.33
CA GLY A 567 -1.46 20.84 15.65
C GLY A 567 -0.20 20.92 14.82
N LEU A 568 0.41 19.79 14.49
CA LEU A 568 1.66 19.83 13.73
C LEU A 568 1.39 19.86 12.23
N VAL A 569 0.33 19.18 11.79
CA VAL A 569 -0.08 19.15 10.39
C VAL A 569 -1.58 19.40 10.34
N ASN A 570 -2.08 19.68 9.14
CA ASN A 570 -3.50 19.98 8.94
C ASN A 570 -4.13 19.11 7.87
N VAL A 571 -3.51 18.00 7.51
CA VAL A 571 -4.10 17.03 6.59
C VAL A 571 -4.63 15.86 7.40
N ASP A 572 -5.64 15.18 6.87
CA ASP A 572 -6.23 14.01 7.51
C ASP A 572 -5.57 12.71 7.07
N GLU A 573 -5.07 12.66 5.84
CA GLU A 573 -4.49 11.44 5.29
C GLU A 573 -3.11 11.73 4.73
N PRO A 574 -2.15 10.81 4.91
CA PRO A 574 -0.78 11.08 4.46
C PRO A 574 -0.57 10.91 2.96
N PHE A 575 -1.15 9.87 2.36
CA PHE A 575 -0.86 9.48 0.98
C PHE A 575 -2.12 9.63 0.13
N GLU A 576 -2.05 10.47 -0.90
CA GLU A 576 -3.20 10.66 -1.79
C GLU A 576 -3.30 9.57 -2.84
N ARG A 577 -2.18 9.05 -3.35
CA ARG A 577 -2.18 8.00 -4.35
C ARG A 577 -1.19 6.92 -3.97
N LEU A 578 -1.50 5.68 -4.37
CA LEU A 578 -0.66 4.53 -4.11
C LEU A 578 -0.35 3.82 -5.41
N LEU A 579 0.91 3.49 -5.62
CA LEU A 579 1.34 2.66 -6.75
C LEU A 579 2.10 1.47 -6.18
N THR A 580 1.59 0.27 -6.44
CA THR A 580 2.19 -0.96 -5.95
C THR A 580 2.89 -1.65 -7.11
N GLN A 581 4.22 -1.67 -7.06
CA GLN A 581 4.99 -2.32 -8.13
C GLN A 581 5.05 -3.82 -7.89
N GLY A 582 4.98 -4.57 -8.99
CA GLY A 582 5.15 -6.00 -8.89
C GLY A 582 6.57 -6.39 -8.54
N MET A 583 6.71 -7.57 -7.96
CA MET A 583 8.03 -8.04 -7.56
C MET A 583 8.86 -8.43 -8.78
N VAL A 584 10.17 -8.44 -8.60
CA VAL A 584 11.11 -8.88 -9.61
C VAL A 584 11.56 -10.29 -9.27
N VAL A 585 11.51 -11.19 -10.25
CA VAL A 585 11.83 -12.59 -10.04
C VAL A 585 13.02 -12.97 -10.89
N CYS A 586 13.68 -14.07 -10.51
CA CYS A 586 14.85 -14.53 -11.24
C CYS A 586 14.98 -16.05 -11.10
N GLU A 587 15.50 -16.69 -12.15
CA GLU A 587 15.71 -18.17 -12.15
C GLU A 587 16.68 -18.56 -11.05
N THR A 588 16.41 -19.69 -10.39
CA THR A 588 17.32 -20.18 -9.32
C THR A 588 18.17 -21.31 -9.90
N TYR A 589 19.32 -21.60 -9.28
CA TYR A 589 20.26 -22.61 -9.83
C TYR A 589 20.71 -23.55 -8.71
N TYR A 590 20.90 -24.84 -9.01
CA TYR A 590 21.39 -25.82 -8.00
C TYR A 590 22.61 -26.57 -8.57
N ILE A 601 22.57 -18.67 -3.44
CA ILE A 601 23.65 -18.37 -4.35
C ILE A 601 23.17 -17.41 -5.43
N ASN A 602 24.04 -16.48 -5.84
CA ASN A 602 23.71 -15.49 -6.87
C ASN A 602 23.94 -16.06 -8.26
N PRO A 603 23.04 -15.76 -9.20
CA PRO A 603 23.26 -16.20 -10.59
C PRO A 603 24.48 -15.59 -11.23
N ALA A 604 24.96 -14.44 -10.74
CA ALA A 604 26.17 -13.84 -11.29
C ALA A 604 27.39 -14.71 -11.01
N ASP A 605 27.40 -15.42 -9.89
CA ASP A 605 28.47 -16.36 -9.59
C ASP A 605 28.28 -17.70 -10.28
N VAL A 606 27.37 -17.78 -11.25
CA VAL A 606 27.05 -19.00 -11.97
C VAL A 606 27.22 -18.76 -13.46
N GLU A 607 27.65 -19.81 -14.17
CA GLU A 607 27.73 -19.80 -15.62
C GLU A 607 26.82 -20.87 -16.19
N LEU A 608 26.41 -20.67 -17.43
CA LEU A 608 25.49 -21.60 -18.10
C LEU A 608 26.14 -22.97 -18.31
N THR A 633 12.29 -20.11 -10.49
CA THR A 633 12.07 -18.69 -10.73
C THR A 633 11.12 -18.12 -9.68
N GLU A 634 11.67 -17.41 -8.70
CA GLU A 634 10.92 -16.86 -7.59
C GLU A 634 11.33 -15.41 -7.35
N LYS A 635 10.63 -14.75 -6.43
CA LYS A 635 10.93 -13.33 -6.10
C LYS A 635 12.37 -13.18 -5.64
N MET A 636 13.05 -12.15 -6.13
CA MET A 636 14.45 -11.88 -5.73
C MET A 636 14.43 -11.30 -4.32
N SER A 637 14.98 -12.04 -3.36
CA SER A 637 14.96 -11.56 -1.96
C SER A 637 16.28 -11.92 -1.27
N LYS A 638 16.47 -11.44 -0.04
CA LYS A 638 17.69 -11.80 0.73
C LYS A 638 17.57 -13.25 1.19
N SER A 639 16.33 -13.73 1.39
CA SER A 639 16.09 -15.13 1.84
C SER A 639 16.93 -16.15 1.06
N LYS A 640 16.82 -16.17 -0.27
CA LYS A 640 17.55 -17.20 -1.07
C LYS A 640 18.66 -16.51 -1.86
N ASN A 641 18.99 -15.27 -1.49
CA ASN A 641 20.06 -14.51 -2.19
C ASN A 641 19.86 -14.57 -3.70
N ASN A 642 18.63 -14.35 -4.17
CA ASN A 642 18.34 -14.41 -5.63
C ASN A 642 18.61 -13.03 -6.23
N GLY A 643 18.63 -11.99 -5.40
CA GLY A 643 18.85 -10.60 -5.86
C GLY A 643 20.08 -10.42 -6.74
N VAL A 644 19.87 -9.98 -7.98
CA VAL A 644 21.01 -9.70 -8.91
C VAL A 644 21.52 -8.31 -8.54
N ASP A 645 22.83 -8.16 -8.36
CA ASP A 645 23.40 -6.86 -7.92
C ASP A 645 23.25 -5.84 -9.05
N PRO A 646 22.51 -4.75 -8.86
CA PRO A 646 22.40 -3.72 -9.86
C PRO A 646 23.77 -3.18 -10.27
N GLN A 647 24.74 -3.16 -9.36
CA GLN A 647 26.03 -2.54 -9.66
C GLN A 647 26.75 -3.24 -10.80
N GLU A 648 26.57 -4.57 -10.93
CA GLU A 648 27.18 -5.28 -12.03
C GLU A 648 26.52 -4.92 -13.36
N LEU A 649 25.20 -4.73 -13.35
CA LEU A 649 24.51 -4.30 -14.57
C LEU A 649 24.87 -2.86 -14.92
N ILE A 650 25.07 -2.01 -13.92
CA ILE A 650 25.45 -0.62 -14.17
C ILE A 650 26.85 -0.57 -14.76
N ASN A 651 27.79 -1.33 -14.18
CA ASN A 651 29.15 -1.38 -14.72
C ASN A 651 29.17 -1.98 -16.13
N ALA A 652 28.30 -2.96 -16.39
CA ALA A 652 28.33 -3.65 -17.66
C ALA A 652 27.51 -2.98 -18.75
N TYR A 653 26.46 -2.23 -18.40
CA TYR A 653 25.61 -1.61 -19.41
C TYR A 653 25.25 -0.15 -19.14
N GLY A 654 25.34 0.32 -17.91
CA GLY A 654 24.98 1.69 -17.60
C GLY A 654 23.62 1.79 -16.92
N ALA A 655 23.40 2.96 -16.31
CA ALA A 655 22.17 3.16 -15.55
C ALA A 655 20.95 3.25 -16.46
N ASP A 656 21.09 3.89 -17.63
CA ASP A 656 19.95 4.04 -18.53
C ASP A 656 19.46 2.69 -19.04
N THR A 657 20.37 1.78 -19.35
CA THR A 657 19.95 0.44 -19.75
C THR A 657 19.25 -0.28 -18.60
N ALA A 658 19.71 -0.06 -17.37
CA ALA A 658 19.04 -0.65 -16.22
C ALA A 658 17.64 -0.09 -16.04
N ARG A 659 17.51 1.24 -16.10
CA ARG A 659 16.20 1.87 -15.92
C ARG A 659 15.24 1.51 -17.05
N LEU A 660 15.75 1.49 -18.29
CA LEU A 660 14.87 1.21 -19.42
C LEU A 660 14.35 -0.22 -19.39
N PHE A 661 15.21 -1.18 -19.04
CA PHE A 661 14.76 -2.57 -18.96
C PHE A 661 13.68 -2.75 -17.90
N MET A 662 13.81 -2.07 -16.76
CA MET A 662 12.82 -2.19 -15.70
C MET A 662 11.47 -1.65 -16.14
N MET A 663 11.46 -0.48 -16.79
CA MET A 663 10.20 0.15 -17.17
C MET A 663 9.57 -0.49 -18.40
N PHE A 664 10.33 -1.21 -19.20
CA PHE A 664 9.83 -1.77 -20.44
C PHE A 664 9.41 -3.23 -20.35
N ALA A 665 9.95 -3.98 -19.38
CA ALA A 665 9.70 -5.42 -19.33
C ALA A 665 8.24 -5.73 -19.04
N ALA A 666 7.60 -4.95 -18.17
CA ALA A 666 6.23 -5.24 -17.77
C ALA A 666 5.62 -3.95 -17.23
N PRO A 667 4.29 -3.89 -17.13
CA PRO A 667 3.65 -2.81 -16.37
C PRO A 667 4.21 -2.74 -14.96
N PRO A 668 4.13 -1.58 -14.30
CA PRO A 668 4.70 -1.48 -12.95
C PRO A 668 4.08 -2.45 -11.96
N GLU A 669 2.76 -2.63 -11.98
CA GLU A 669 2.11 -3.52 -11.02
C GLU A 669 2.38 -5.00 -11.34
N GLN A 670 2.68 -5.33 -12.58
CA GLN A 670 2.90 -6.73 -12.96
C GLN A 670 4.29 -7.18 -12.56
N SER A 671 4.43 -8.49 -12.34
CA SER A 671 5.72 -9.05 -11.96
C SER A 671 6.72 -8.95 -13.11
N LEU A 672 7.99 -8.79 -12.75
CA LEU A 672 9.07 -8.61 -13.72
C LEU A 672 10.03 -9.78 -13.60
N GLU A 673 10.34 -10.39 -14.74
CA GLU A 673 11.26 -11.53 -14.79
C GLU A 673 12.61 -11.06 -15.29
N TRP A 674 13.67 -11.43 -14.57
CA TRP A 674 15.02 -11.06 -14.98
C TRP A 674 15.38 -11.76 -16.27
N SER A 675 15.94 -11.01 -17.21
CA SER A 675 16.24 -11.53 -18.55
C SER A 675 17.46 -10.81 -19.10
N ASP A 676 18.55 -11.55 -19.30
CA ASP A 676 19.72 -10.98 -19.97
C ASP A 676 19.38 -10.57 -21.40
N SER A 677 18.44 -11.27 -22.03
CA SER A 677 17.93 -10.83 -23.33
C SER A 677 17.21 -9.51 -23.23
N GLY A 678 16.55 -9.24 -22.09
CA GLY A 678 15.85 -7.98 -21.93
C GLY A 678 16.79 -6.80 -21.83
N VAL A 679 17.88 -6.95 -21.07
CA VAL A 679 18.83 -5.86 -20.93
C VAL A 679 19.60 -5.64 -22.22
N GLU A 680 19.71 -6.65 -23.08
CA GLU A 680 20.39 -6.47 -24.36
C GLU A 680 19.55 -5.64 -25.32
N GLY A 681 18.24 -5.91 -25.38
CA GLY A 681 17.37 -5.13 -26.24
C GLY A 681 17.25 -3.69 -25.80
N ALA A 682 17.27 -3.44 -24.48
CA ALA A 682 17.20 -2.08 -23.98
C ALA A 682 18.45 -1.29 -24.38
N HIS A 683 19.62 -1.91 -24.27
CA HIS A 683 20.86 -1.21 -24.63
C HIS A 683 20.92 -0.91 -26.11
N ARG A 684 20.44 -1.82 -26.96
CA ARG A 684 20.47 -1.57 -28.40
C ARG A 684 19.48 -0.48 -28.79
N PHE A 685 18.39 -0.32 -28.05
CA PHE A 685 17.49 0.80 -28.32
C PHE A 685 18.15 2.13 -28.00
N LEU A 686 18.87 2.19 -26.88
CA LEU A 686 19.61 3.41 -26.56
C LEU A 686 20.72 3.67 -27.57
N ARG A 687 21.33 2.60 -28.10
CA ARG A 687 22.25 2.77 -29.22
C ARG A 687 21.51 3.27 -30.46
N ARG A 688 20.29 2.77 -30.69
CA ARG A 688 19.50 3.24 -31.81
C ARG A 688 19.11 4.71 -31.65
N LEU A 689 18.70 5.09 -30.43
CA LEU A 689 18.35 6.48 -30.18
C LEU A 689 19.56 7.40 -30.38
N TRP A 690 20.74 6.96 -29.94
CA TRP A 690 21.96 7.73 -30.15
C TRP A 690 22.31 7.80 -31.63
N ARG A 691 22.29 6.65 -32.30
CA ARG A 691 22.62 6.60 -33.73
C ARG A 691 21.68 7.47 -34.55
N THR A 692 20.40 7.53 -34.16
CA THR A 692 19.43 8.32 -34.90
C THR A 692 19.77 9.81 -34.84
N VAL A 693 20.03 10.32 -33.63
CA VAL A 693 20.35 11.74 -33.48
C VAL A 693 21.67 12.06 -34.17
N TYR A 694 22.64 11.14 -34.10
CA TYR A 694 23.94 11.38 -34.73
C TYR A 694 23.81 11.45 -36.25
N GLU A 695 23.07 10.52 -36.85
CA GLU A 695 22.92 10.53 -38.30
C GLU A 695 22.15 11.76 -38.77
N TYR A 696 21.20 12.26 -37.96
CA TYR A 696 20.48 13.47 -38.34
C TYR A 696 21.38 14.69 -38.30
N LEU A 697 22.23 14.79 -37.27
CA LEU A 697 23.12 15.95 -37.15
C LEU A 697 24.30 15.86 -38.11
N LYS A 698 24.68 14.64 -38.51
CA LYS A 698 25.73 14.50 -39.51
C LYS A 698 25.31 15.01 -40.87
N GLN A 699 24.00 15.08 -41.14
CA GLN A 699 23.49 15.43 -42.46
C GLN A 699 23.01 16.88 -42.54
N GLY A 700 23.57 17.78 -41.73
CA GLY A 700 23.24 19.19 -41.89
C GLY A 700 23.14 20.01 -40.62
N GLY A 701 23.41 19.40 -39.47
CA GLY A 701 23.38 20.13 -38.22
C GLY A 701 21.96 20.52 -37.80
N ALA A 702 21.90 21.15 -36.63
CA ALA A 702 20.61 21.48 -36.02
C ALA A 702 20.00 22.72 -36.67
N VAL A 703 18.67 22.70 -36.77
CA VAL A 703 17.89 23.80 -37.29
C VAL A 703 16.76 24.10 -36.32
N LYS A 704 16.00 25.14 -36.62
CA LYS A 704 14.84 25.48 -35.82
C LYS A 704 13.75 24.42 -35.99
N ALA A 705 13.18 23.96 -34.88
CA ALA A 705 12.15 22.95 -34.94
C ALA A 705 10.89 23.50 -35.62
N PHE A 706 10.24 22.65 -36.41
CA PHE A 706 9.04 23.09 -37.11
C PHE A 706 7.93 23.45 -36.12
N ALA A 707 7.20 24.51 -36.44
CA ALA A 707 6.11 24.98 -35.60
C ALA A 707 5.20 25.87 -36.42
N GLY A 708 3.92 25.86 -36.08
CA GLY A 708 2.94 26.74 -36.71
C GLY A 708 2.05 26.00 -37.69
N ASN A 709 1.47 26.79 -38.60
CA ASN A 709 0.61 26.24 -39.64
C ASN A 709 1.38 25.23 -40.49
N GLN A 710 0.78 24.05 -40.67
CA GLN A 710 1.41 22.98 -41.43
C GLN A 710 0.78 22.80 -42.82
N ASP A 711 -0.11 23.70 -43.22
CA ASP A 711 -0.60 23.67 -44.59
C ASP A 711 0.55 23.94 -45.54
N GLY A 712 0.62 23.14 -46.61
CA GLY A 712 1.73 23.19 -47.54
C GLY A 712 2.79 22.14 -47.31
N LEU A 713 2.80 21.52 -46.12
CA LEU A 713 3.68 20.38 -45.89
C LEU A 713 3.23 19.19 -46.73
N SER A 714 4.19 18.37 -47.12
CA SER A 714 3.88 17.18 -47.90
C SER A 714 3.05 16.21 -47.07
N LYS A 715 2.36 15.30 -47.78
CA LYS A 715 1.54 14.30 -47.12
C LYS A 715 2.36 13.45 -46.15
N GLU A 716 3.58 13.07 -46.56
CA GLU A 716 4.42 12.23 -45.72
C GLU A 716 4.83 12.97 -44.45
N LEU A 717 5.13 14.28 -44.56
CA LEU A 717 5.53 15.04 -43.39
C LEU A 717 4.33 15.38 -42.50
N LYS A 718 3.14 15.53 -43.08
CA LYS A 718 1.95 15.73 -42.25
C LYS A 718 1.64 14.48 -41.43
N ASP A 719 1.80 13.31 -42.03
CA ASP A 719 1.56 12.06 -41.30
C ASP A 719 2.58 11.88 -40.17
N LEU A 720 3.83 12.26 -40.41
CA LEU A 720 4.85 12.16 -39.36
C LEU A 720 4.53 13.10 -38.21
N ARG A 721 4.11 14.34 -38.51
CA ARG A 721 3.69 15.26 -37.46
C ARG A 721 2.43 14.74 -36.75
N HIS A 722 1.55 14.07 -37.48
CA HIS A 722 0.39 13.45 -36.85
C HIS A 722 0.83 12.34 -35.90
N LYS A 723 1.75 11.48 -36.35
CA LYS A 723 2.29 10.45 -35.47
C LYS A 723 3.02 11.05 -34.28
N LEU A 724 3.70 12.19 -34.50
CA LEU A 724 4.45 12.83 -33.42
C LEU A 724 3.52 13.29 -32.31
N HIS A 725 2.52 14.10 -32.66
CA HIS A 725 1.64 14.66 -31.64
C HIS A 725 0.61 13.66 -31.13
N SER A 726 0.36 12.57 -31.88
CA SER A 726 -0.38 11.45 -31.31
C SER A 726 0.46 10.75 -30.24
N THR A 727 1.76 10.59 -30.49
CA THR A 727 2.64 9.96 -29.52
C THR A 727 2.79 10.81 -28.27
N THR A 728 2.87 12.14 -28.43
CA THR A 728 2.97 13.03 -27.28
C THR A 728 1.74 12.92 -26.39
N ALA A 729 0.55 12.87 -27.00
CA ALA A 729 -0.67 12.72 -26.22
C ALA A 729 -0.72 11.36 -25.52
N LYS A 730 -0.23 10.32 -26.18
CA LYS A 730 -0.27 8.98 -25.60
C LYS A 730 0.74 8.82 -24.47
N VAL A 731 1.93 9.38 -24.63
CA VAL A 731 2.94 9.30 -23.57
C VAL A 731 2.51 10.13 -22.36
N SER A 732 1.95 11.32 -22.61
CA SER A 732 1.45 12.15 -21.52
C SER A 732 0.36 11.43 -20.74
N ASP A 733 -0.53 10.73 -21.44
CA ASP A 733 -1.61 10.01 -20.77
C ASP A 733 -1.08 8.80 -20.01
N ASP A 734 -0.03 8.16 -20.52
CA ASP A 734 0.53 6.99 -19.85
C ASP A 734 1.34 7.36 -18.62
N TYR A 735 1.99 8.52 -18.61
CA TYR A 735 2.72 8.96 -17.43
C TYR A 735 1.79 9.55 -16.37
N GLY A 736 0.83 10.36 -16.79
CA GLY A 736 0.05 11.15 -15.86
C GLY A 736 -1.19 10.48 -15.29
N ARG A 737 -1.87 9.68 -16.10
CA ARG A 737 -3.11 9.04 -15.67
C ARG A 737 -2.97 7.54 -15.47
N ARG A 738 -2.49 6.81 -16.47
CA ARG A 738 -2.44 5.36 -16.39
C ARG A 738 -1.27 4.85 -15.57
N GLN A 739 -0.17 5.61 -15.51
CA GLN A 739 1.06 5.19 -14.83
C GLN A 739 1.55 3.86 -15.41
N GLN A 740 1.40 3.70 -16.72
CA GLN A 740 1.89 2.53 -17.45
C GLN A 740 3.04 3.01 -18.32
N PHE A 741 4.26 2.63 -17.96
CA PHE A 741 5.45 3.16 -18.63
C PHE A 741 5.91 2.30 -19.78
N ASN A 742 5.59 1.00 -19.79
CA ASN A 742 6.03 0.15 -20.89
C ASN A 742 5.34 0.52 -22.19
N THR A 743 4.07 0.92 -22.12
CA THR A 743 3.36 1.33 -23.33
C THR A 743 3.85 2.67 -23.85
N ALA A 744 4.26 3.57 -22.95
CA ALA A 744 4.78 4.86 -23.39
C ALA A 744 6.09 4.70 -24.16
N ILE A 745 6.95 3.79 -23.72
CA ILE A 745 8.19 3.52 -24.45
C ILE A 745 7.88 2.92 -25.81
N ALA A 746 6.86 2.05 -25.88
CA ALA A 746 6.49 1.46 -27.16
C ALA A 746 5.95 2.51 -28.12
N ALA A 747 5.22 3.51 -27.59
CA ALA A 747 4.70 4.57 -28.45
C ALA A 747 5.82 5.40 -29.07
N VAL A 748 6.84 5.73 -28.28
CA VAL A 748 7.99 6.46 -28.80
C VAL A 748 8.74 5.61 -29.82
N MET A 749 8.80 4.29 -29.60
CA MET A 749 9.41 3.40 -30.57
C MET A 749 8.67 3.43 -31.90
N GLU A 750 7.33 3.50 -31.86
CA GLU A 750 6.56 3.56 -33.09
C GLU A 750 6.80 4.87 -33.82
N LEU A 751 6.92 5.97 -33.07
CA LEU A 751 7.23 7.26 -33.69
C LEU A 751 8.57 7.22 -34.42
N LEU A 752 9.58 6.59 -33.79
CA LEU A 752 10.87 6.47 -34.44
C LEU A 752 10.80 5.57 -35.68
N ASN A 753 9.93 4.55 -35.64
CA ASN A 753 9.78 3.68 -36.81
C ASN A 753 9.24 4.45 -38.01
N GLN A 754 8.23 5.30 -37.78
CA GLN A 754 7.71 6.12 -38.88
C GLN A 754 8.73 7.17 -39.30
N TYR A 755 9.53 7.68 -38.37
CA TYR A 755 10.60 8.61 -38.71
C TYR A 755 11.59 7.97 -39.69
N ASP A 756 11.91 6.69 -39.48
CA ASP A 756 12.89 6.03 -40.34
C ASP A 756 12.37 5.83 -41.75
N LYS A 757 11.05 5.69 -41.91
CA LYS A 757 10.45 5.50 -43.22
C LYS A 757 10.01 6.82 -43.85
N THR A 758 10.50 7.95 -43.37
CA THR A 758 10.09 9.26 -43.85
C THR A 758 11.29 10.01 -44.40
N ASP A 759 11.17 10.48 -45.65
CA ASP A 759 12.20 11.31 -46.26
C ASP A 759 12.18 12.69 -45.61
N THR A 760 13.23 13.01 -44.85
CA THR A 760 13.34 14.29 -44.17
C THR A 760 14.52 15.10 -44.68
N GLY A 761 14.89 14.90 -45.96
CA GLY A 761 16.03 15.59 -46.52
C GLY A 761 15.80 17.03 -46.89
N SER A 762 14.56 17.43 -47.15
CA SER A 762 14.27 18.80 -47.56
C SER A 762 14.37 19.75 -46.37
N GLU A 763 14.32 21.04 -46.68
CA GLU A 763 14.41 22.05 -45.62
C GLU A 763 13.23 21.93 -44.65
N GLN A 764 12.01 21.78 -45.17
CA GLN A 764 10.88 21.52 -44.28
C GLN A 764 10.97 20.13 -43.68
N GLY A 765 11.59 19.19 -44.39
CA GLY A 765 11.82 17.86 -43.82
C GLY A 765 12.76 17.88 -42.64
N ARG A 766 13.84 18.66 -42.74
CA ARG A 766 14.76 18.80 -41.61
C ARG A 766 14.08 19.46 -40.42
N ALA A 767 13.19 20.43 -40.67
CA ALA A 767 12.53 21.13 -39.58
C ALA A 767 11.61 20.18 -38.81
N VAL A 768 10.92 19.28 -39.52
CA VAL A 768 10.06 18.32 -38.83
C VAL A 768 10.89 17.27 -38.10
N ALA A 769 11.99 16.83 -38.71
CA ALA A 769 12.90 15.90 -38.04
C ALA A 769 13.41 16.49 -36.73
N GLN A 770 13.77 17.78 -36.74
CA GLN A 770 14.17 18.45 -35.50
C GLN A 770 13.04 18.42 -34.48
N GLU A 771 11.80 18.63 -34.93
CA GLU A 771 10.66 18.62 -34.01
C GLU A 771 10.41 17.23 -33.46
N VAL A 772 10.58 16.19 -34.28
CA VAL A 772 10.38 14.82 -33.81
C VAL A 772 11.42 14.46 -32.76
N LEU A 773 12.70 14.69 -33.07
CA LEU A 773 13.77 14.31 -32.16
C LEU A 773 13.73 15.12 -30.87
N GLU A 774 13.40 16.41 -30.95
CA GLU A 774 13.33 17.22 -29.74
C GLU A 774 12.22 16.74 -28.81
N ALA A 775 11.16 16.17 -29.36
CA ALA A 775 10.10 15.63 -28.51
C ALA A 775 10.44 14.25 -28.01
N ALA A 776 11.03 13.41 -28.86
CA ALA A 776 11.36 12.04 -28.47
C ALA A 776 12.30 12.02 -27.27
N VAL A 777 13.33 12.85 -27.29
CA VAL A 777 14.28 12.84 -26.19
C VAL A 777 13.66 13.42 -24.92
N ARG A 778 12.66 14.28 -25.06
CA ARG A 778 11.99 14.82 -23.88
C ARG A 778 10.96 13.83 -23.33
N LEU A 779 10.27 13.12 -24.22
CA LEU A 779 9.31 12.11 -23.77
C LEU A 779 9.99 10.96 -23.04
N LEU A 780 11.22 10.62 -23.44
CA LEU A 780 11.97 9.54 -22.80
C LEU A 780 12.84 10.04 -21.65
N TRP A 781 12.95 11.35 -21.46
CA TRP A 781 13.79 11.87 -20.38
C TRP A 781 13.43 11.34 -19.01
N PRO A 782 12.15 11.19 -18.61
CA PRO A 782 11.87 10.57 -17.31
C PRO A 782 12.36 9.14 -17.17
N ILE A 783 12.41 8.38 -18.26
CA ILE A 783 12.87 6.99 -18.18
C ILE A 783 14.38 6.92 -18.18
N VAL A 784 15.01 7.53 -19.19
CA VAL A 784 16.45 7.44 -19.39
C VAL A 784 17.03 8.85 -19.47
N PRO A 785 17.13 9.56 -18.36
CA PRO A 785 17.51 10.99 -18.42
C PRO A 785 18.95 11.22 -18.85
N HIS A 786 19.86 10.26 -18.64
CA HIS A 786 21.26 10.49 -18.96
C HIS A 786 21.48 10.66 -20.46
N ILE A 787 20.98 9.71 -21.26
CA ILE A 787 21.19 9.80 -22.70
C ILE A 787 20.35 10.91 -23.31
N CYS A 788 19.18 11.19 -22.74
CA CYS A 788 18.32 12.24 -23.28
C CYS A 788 18.89 13.62 -22.98
N GLU A 789 19.44 13.81 -21.78
CA GLU A 789 20.11 15.08 -21.49
C GLU A 789 21.26 15.33 -22.45
N THR A 790 22.06 14.30 -22.73
CA THR A 790 23.20 14.46 -23.63
C THR A 790 22.73 14.73 -25.05
N LEU A 791 21.74 13.97 -25.53
CA LEU A 791 21.25 14.17 -26.90
C LEU A 791 20.56 15.51 -27.07
N TRP A 792 19.85 15.98 -26.04
CA TRP A 792 19.11 17.23 -26.15
C TRP A 792 20.05 18.41 -26.40
N SER A 793 21.12 18.51 -25.61
CA SER A 793 22.05 19.63 -25.76
C SER A 793 22.79 19.59 -27.10
N GLU A 794 22.83 18.43 -27.76
CA GLU A 794 23.34 18.36 -29.12
C GLU A 794 22.31 18.83 -30.15
N LEU A 795 21.03 18.82 -29.79
CA LEU A 795 19.96 19.24 -30.68
C LEU A 795 19.54 20.69 -30.46
N ASN A 796 19.52 21.16 -29.22
CA ASN A 796 18.95 22.45 -28.87
C ASN A 796 19.80 23.09 -27.79
N GLY A 797 19.93 24.42 -27.84
CA GLY A 797 20.78 25.13 -26.91
C GLY A 797 20.14 25.50 -25.59
N ALA A 798 18.81 25.36 -25.47
CA ALA A 798 18.13 25.72 -24.24
C ALA A 798 18.23 24.60 -23.22
N LYS A 799 17.96 24.95 -21.96
CA LYS A 799 17.91 23.95 -20.90
C LYS A 799 16.67 23.08 -21.10
N LEU A 800 16.85 21.76 -20.99
CA LEU A 800 15.75 20.84 -21.23
C LEU A 800 14.61 21.10 -20.26
N TRP A 801 14.93 21.24 -18.96
CA TRP A 801 13.89 21.45 -17.95
C TRP A 801 13.27 22.83 -18.01
N GLU A 802 13.71 23.69 -18.93
CA GLU A 802 13.03 24.97 -19.18
C GLU A 802 12.18 24.93 -20.44
N ALA A 803 12.58 24.13 -21.45
CA ALA A 803 11.70 23.89 -22.58
C ALA A 803 10.44 23.16 -22.15
N GLY A 804 10.51 22.36 -21.10
CA GLY A 804 9.34 21.75 -20.51
C GLY A 804 8.85 20.54 -21.27
N TRP A 805 7.77 19.97 -20.74
CA TRP A 805 7.15 18.81 -21.36
C TRP A 805 6.62 19.18 -22.74
N PRO A 806 6.73 18.30 -23.72
CA PRO A 806 6.24 18.63 -25.07
C PRO A 806 4.74 18.86 -25.07
N THR A 807 4.30 19.84 -25.86
CA THR A 807 2.90 20.16 -26.02
C THR A 807 2.33 19.46 -27.26
N VAL A 808 1.02 19.27 -27.26
CA VAL A 808 0.32 18.62 -28.36
C VAL A 808 -0.22 19.70 -29.29
N ASP A 809 0.17 19.64 -30.55
CA ASP A 809 -0.37 20.53 -31.58
C ASP A 809 -1.63 19.88 -32.13
N GLU A 810 -2.78 20.38 -31.69
CA GLU A 810 -4.06 19.79 -32.10
C GLU A 810 -4.26 19.91 -33.62
N ALA A 811 -3.72 20.97 -34.22
CA ALA A 811 -3.87 21.14 -35.67
C ALA A 811 -3.20 20.01 -36.44
N ALA A 812 -2.13 19.44 -35.89
CA ALA A 812 -1.46 18.32 -36.56
C ALA A 812 -2.25 17.04 -36.48
N LEU A 813 -3.32 17.00 -35.70
CA LEU A 813 -4.14 15.79 -35.55
C LEU A 813 -5.36 15.79 -36.47
N VAL A 814 -5.68 16.92 -37.09
CA VAL A 814 -6.82 17.00 -38.00
C VAL A 814 -6.39 16.50 -39.38
N LYS A 815 -7.03 15.45 -39.86
CA LYS A 815 -6.72 14.92 -41.19
C LYS A 815 -7.48 15.70 -42.26
N SER A 816 -7.16 15.39 -43.52
CA SER A 816 -7.69 16.15 -44.65
C SER A 816 -9.14 15.79 -44.92
N GLU A 817 -9.83 16.70 -45.62
CA GLU A 817 -11.23 16.50 -45.98
C GLU A 817 -11.33 15.71 -47.28
N ILE A 818 -12.52 15.13 -47.49
CA ILE A 818 -12.79 14.26 -48.62
C ILE A 818 -14.03 14.76 -49.34
N GLU A 819 -14.04 14.69 -50.67
CA GLU A 819 -15.19 15.05 -51.48
C GLU A 819 -15.98 13.79 -51.83
N VAL A 820 -17.28 13.81 -51.55
CA VAL A 820 -18.15 12.66 -51.75
C VAL A 820 -19.20 13.02 -52.79
N MET A 821 -19.47 12.08 -53.69
CA MET A 821 -20.49 12.28 -54.71
C MET A 821 -21.88 12.02 -54.14
N VAL A 822 -22.85 12.82 -54.58
CA VAL A 822 -24.24 12.68 -54.18
C VAL A 822 -25.04 12.18 -55.38
N GLN A 823 -25.74 11.07 -55.20
CA GLN A 823 -26.55 10.48 -56.24
C GLN A 823 -28.03 10.46 -55.83
N VAL A 824 -28.90 10.64 -56.82
CA VAL A 824 -30.35 10.58 -56.64
C VAL A 824 -30.85 9.47 -57.56
N ASN A 825 -31.23 8.34 -56.97
CA ASN A 825 -31.65 7.15 -57.73
C ASN A 825 -30.56 6.69 -58.70
N GLY A 826 -29.30 6.89 -58.33
CA GLY A 826 -28.18 6.51 -59.14
C GLY A 826 -27.63 7.61 -60.03
N LYS A 827 -28.32 8.73 -60.16
CA LYS A 827 -27.89 9.83 -61.01
C LYS A 827 -27.14 10.87 -60.19
N LEU A 828 -25.93 11.22 -60.64
CA LEU A 828 -25.11 12.23 -59.98
C LEU A 828 -25.86 13.55 -59.89
N ARG A 829 -26.24 13.95 -58.68
CA ARG A 829 -26.96 15.20 -58.48
C ARG A 829 -26.09 16.32 -57.92
N GLY A 830 -24.94 15.99 -57.34
CA GLY A 830 -24.08 17.02 -56.79
C GLY A 830 -22.93 16.40 -56.03
N LYS A 831 -22.20 17.26 -55.32
CA LYS A 831 -21.04 16.84 -54.55
C LYS A 831 -21.08 17.51 -53.18
N ILE A 832 -20.44 16.86 -52.21
CA ILE A 832 -20.33 17.37 -50.85
C ILE A 832 -18.91 17.16 -50.36
N THR A 833 -18.45 18.10 -49.53
CA THR A 833 -17.13 18.01 -48.90
C THR A 833 -17.32 17.48 -47.49
N VAL A 834 -16.74 16.31 -47.21
CA VAL A 834 -16.98 15.60 -45.97
C VAL A 834 -15.72 15.63 -45.12
N ALA A 835 -15.91 15.44 -43.81
CA ALA A 835 -14.78 15.30 -42.90
C ALA A 835 -14.27 13.87 -42.91
N ALA A 836 -12.98 13.70 -42.65
CA ALA A 836 -12.38 12.37 -42.63
C ALA A 836 -12.90 11.52 -41.48
N ASP A 837 -13.47 12.16 -40.47
CA ASP A 837 -13.98 11.44 -39.28
C ASP A 837 -15.50 11.41 -39.33
N ALA A 838 -16.09 11.70 -40.48
CA ALA A 838 -17.57 11.78 -40.56
C ALA A 838 -18.22 10.39 -40.60
N SER A 839 -19.35 10.25 -39.91
CA SER A 839 -20.06 8.95 -39.86
C SER A 839 -20.97 8.80 -41.08
N LYS A 840 -21.51 7.61 -41.31
CA LYS A 840 -22.47 7.40 -42.42
C LYS A 840 -23.65 8.36 -42.21
N ALA A 841 -24.04 8.58 -40.96
CA ALA A 841 -25.16 9.50 -40.64
C ALA A 841 -24.78 10.92 -41.07
N ASP A 842 -23.52 11.29 -40.94
CA ASP A 842 -23.07 12.63 -41.41
C ASP A 842 -23.15 12.70 -42.96
N LEU A 843 -22.69 11.66 -43.67
CA LEU A 843 -22.81 11.69 -45.12
C LEU A 843 -24.27 11.67 -45.57
N GLU A 844 -25.11 10.90 -44.88
CA GLU A 844 -26.54 10.93 -45.19
C GLU A 844 -27.13 12.31 -44.93
N ALA A 845 -26.70 12.97 -43.86
CA ALA A 845 -27.20 14.30 -43.56
C ALA A 845 -26.70 15.31 -44.57
N ALA A 846 -25.46 15.16 -45.05
CA ALA A 846 -24.90 16.11 -46.00
C ALA A 846 -25.34 15.81 -47.42
N ALA A 847 -25.64 14.55 -47.75
CA ALA A 847 -26.08 14.21 -49.10
C ALA A 847 -27.51 14.70 -49.35
N LEU A 848 -28.38 14.59 -48.34
CA LEU A 848 -29.75 15.09 -48.46
C LEU A 848 -29.84 16.61 -48.49
N ALA A 849 -28.86 17.33 -47.92
CA ALA A 849 -28.85 18.79 -47.97
C ALA A 849 -28.29 19.33 -49.27
N ASN A 850 -27.79 18.45 -50.14
CA ASN A 850 -27.23 18.89 -51.44
C ASN A 850 -28.34 19.51 -52.28
N GLU A 851 -28.07 20.67 -52.89
CA GLU A 851 -29.09 21.38 -53.71
C GLU A 851 -29.56 20.45 -54.82
N GLY A 852 -28.63 19.91 -55.60
CA GLY A 852 -28.99 19.01 -56.71
C GLY A 852 -29.79 17.82 -56.25
N ALA A 853 -29.46 17.26 -55.08
CA ALA A 853 -30.25 16.14 -54.53
C ALA A 853 -31.70 16.59 -54.36
N VAL A 854 -31.93 17.64 -53.57
CA VAL A 854 -33.32 18.13 -53.29
C VAL A 854 -34.06 18.40 -54.60
N LYS A 855 -33.38 18.93 -55.62
CA LYS A 855 -34.02 19.29 -56.91
C LYS A 855 -34.40 18.03 -57.69
N PHE A 856 -33.61 16.96 -57.57
CA PHE A 856 -33.85 15.72 -58.35
C PHE A 856 -34.67 14.74 -57.50
N MET A 857 -34.95 15.10 -56.25
CA MET A 857 -35.74 14.20 -55.36
C MET A 857 -37.23 14.49 -55.54
N GLU A 858 -37.57 15.55 -56.26
CA GLU A 858 -38.98 15.90 -56.53
C GLU A 858 -39.82 15.88 -55.26
N GLY A 859 -39.22 16.26 -54.13
CA GLY A 859 -39.94 16.30 -52.88
C GLY A 859 -40.40 14.94 -52.38
N LYS A 860 -39.83 13.85 -52.90
CA LYS A 860 -40.22 12.50 -52.54
C LYS A 860 -39.22 11.90 -51.55
N PRO A 861 -39.67 11.02 -50.66
CA PRO A 861 -38.76 10.38 -49.71
C PRO A 861 -37.95 9.28 -50.38
N ALA A 862 -36.99 8.75 -49.62
CA ALA A 862 -36.11 7.70 -50.08
C ALA A 862 -36.44 6.41 -49.34
N LYS A 863 -36.77 5.36 -50.09
CA LYS A 863 -36.99 4.06 -49.47
C LYS A 863 -35.70 3.43 -48.96
N LYS A 864 -34.55 3.89 -49.43
CA LYS A 864 -33.26 3.41 -48.97
C LYS A 864 -32.20 4.44 -49.36
N ILE A 865 -31.15 4.52 -48.54
CA ILE A 865 -30.04 5.45 -48.76
C ILE A 865 -28.75 4.64 -48.58
N ILE A 866 -28.18 4.17 -49.68
CA ILE A 866 -26.92 3.46 -49.63
C ILE A 866 -25.79 4.46 -49.43
N VAL A 867 -24.79 4.09 -48.64
CA VAL A 867 -23.69 4.97 -48.28
C VAL A 867 -22.39 4.20 -48.46
N VAL A 868 -21.57 4.65 -49.39
CA VAL A 868 -20.20 4.15 -49.56
C VAL A 868 -19.26 5.19 -48.95
N PRO A 869 -18.67 4.94 -47.78
CA PRO A 869 -17.81 5.94 -47.14
C PRO A 869 -16.63 6.30 -48.04
N GLY A 870 -16.47 7.60 -48.28
CA GLY A 870 -15.34 8.08 -49.06
C GLY A 870 -15.46 7.90 -50.55
N ARG A 871 -16.66 7.73 -51.08
CA ARG A 871 -16.84 7.60 -52.53
C ARG A 871 -18.13 8.24 -52.99
N LEU A 872 -19.27 7.73 -52.53
CA LEU A 872 -20.55 8.28 -52.96
C LEU A 872 -21.63 7.90 -51.97
N VAL A 873 -22.71 8.68 -51.98
CA VAL A 873 -23.95 8.38 -51.27
C VAL A 873 -25.08 8.51 -52.27
N ASN A 874 -25.93 7.49 -52.33
CA ASN A 874 -27.04 7.44 -53.29
C ASN A 874 -28.34 7.27 -52.53
N ILE A 875 -29.25 8.23 -52.70
CA ILE A 875 -30.56 8.20 -52.07
C ILE A 875 -31.56 7.62 -53.07
N VAL A 876 -32.36 6.65 -52.63
CA VAL A 876 -33.35 6.03 -53.49
C VAL A 876 -34.74 6.53 -53.16
#